data_9JH5
#
_entry.id   9JH5
#
loop_
_entity.id
_entity.type
_entity.pdbx_description
1 polymer 'Cysteinyl leukotriene receptor 2'
2 polymer 'Guanine nucleotide-binding protein G(I)/G(S)/G(O) subunit gamma-2'
3 polymer scFv16
4 polymer 'Guanine nucleotide-binding protein G(i) subunit alpha-1'
5 polymer 'Guanine nucleotide-binding protein G(I)/G(S)/G(T) subunit beta-1'
6 polymer Nb35
7 non-polymer N-((E,2S,3R)-1,3-DIHYDROXYOCTADEC-4-EN-2-YL)PALMITAMIDE
8 non-polymer CHOLESTEROL
#
loop_
_entity_poly.entity_id
_entity_poly.type
_entity_poly.pdbx_seq_one_letter_code
_entity_poly.pdbx_strand_id
1 'polypeptide(L)'
;MERKFMSLQPSISVSEMEPNGTFSNNNSRNCTIENFKREFFPIVYLIIFFWGVLGNGLSIYVFLQPYKKSTSVNVFMLNL
AISDLLFISTLPFRADYYLRGSNWIFGDLACRIMSYSLYVNMYSSIYFLTVLSVVRFLAMVHPFRLLHVTSIRSAWILCG
IIWILIMASSIMLLDSGSEQNGSVTSCLELNLYKIAKLQTMNYIALVVGCLLPFFTLSICYLLIIRVLLKVEVPESGLRV
SHRKALTTIIITLIIFFLCFLPYHTLRTVHLTTWKVGLCKDRLHKALVITLALAAANACFNPLLYYFAGENFKDRLKSAL
RKGHPQKAKTKCVFPVSVWLRKETRV
;
R
2 'polypeptide(L)' NTASIAQARKLVEQLKMEANIDRIKVSKAAADLMAYCEAHAKEDPLLTPVPASENPFRE C
3 'polypeptide(L)'
;DVQLVESGGGLVQPGGSRKLSCSASGFAFSSFGMHWVRQAPEKGLEWVAYISSGSGTIYYADTVKGRFTISRDDPKNTLF
LQMTSLRSEDTAMYYCVRSIYYYGSSPFDFWGQGTTLTVSSGGGGSGGGGSGGGSSDIVMTQATSSVPVTPGESVSISCR
SSKSLLHSNGNTYLYWFLQRPGQSPQLLIYRMSNLASGVPDRFSGSGSGTAFTLTISRLEAEDVGVYYCMQHLEYPLTFG
AGTKLELKGS
;
S
4 'polypeptide(L)'
;MGCTLSAEDKAAVERSKMIEKQLQKDKQVYRRTLRLLLLGADNSGKSTIVKQMRIYHVNGYSEEECKQYKAVVYSNTIQS
IIAIIRAMGRLKIDFGDSARADDARQLFVLAGAAEEGFMTAELAGVIKRLWKDSGVQACFNRSREYQLNDSAAYYLNDLD
RIAQPNYIPTQQDVLRTRVKTSGIFETKFQVDKVNFHMFDVGAQRDERRKWIQCFNDVTAIIFVVDSSDYNRLQEALNDF
KSIWNNRWLRTISVILFLNKQDLLAEKVLAGKSKIEDYFPEFARYTTPEDATPEPGEDPRVTRAKYFIRKEFVDISTASG
DGRHICYPHFTCSVDTENARRIFNDCKDIILQMNLREYNLV
;
A
5 'polypeptide(L)'
;MHHHHHHLEVLFQGPGSSQSELDQLRQEAEQLKNQIRDARKACADATLSQITNNIDPVGRIQMRTRRTLRGHLAKIYAMH
WGTDSRLLVSASQDGKLIIWDSYTTNKVHAIPLRSSWVMTCAYAPSGNYVACGGLDNICSIYNLKTREGNVRVSRELAGH
TGYLSCCRFLDDNQIVTSSGDTTCALWDIETGQQTTTFTGHTGDVMSLSLAPDTRLFVSGACDASAKLWDVREGMCRQTF
TGHESDINAICFFPNGNAFATGSDDATCRLFDLRADQELMTYSHDNIICGITSVSFSKSGRLLLAGYDDFNCNVWDALKA
DRAGVLAGHDNRVSCLGVTDDGMAVATGSWDSFLKIWN
;
B
6 'polypeptide(L)'
;MKYLLPTAAAGLLLLAAQPAMAMQVQLQESGGGLVQPGGSLRLSCAASGFTFSNYKMNWVRQAPGKGLEWVSDISQSGAS
ISYTGSVKGRFTISRDNAKNTLYLQMNSLKPEDTAVYYCARCPAPFTRDCFDVTSTTYAYRGQGTQVTVSS
;
N
#
# COMPACT_ATOMS: atom_id res chain seq x y z
N GLU A 34 58.39 18.45 -14.95
CA GLU A 34 59.58 17.85 -15.53
C GLU A 34 60.13 16.74 -14.63
N ASN A 35 59.23 16.02 -13.96
CA ASN A 35 59.61 14.96 -13.05
C ASN A 35 58.71 13.73 -13.19
N PHE A 36 58.08 13.54 -14.35
CA PHE A 36 57.06 12.53 -14.53
C PHE A 36 57.59 11.20 -15.06
N LYS A 37 58.89 11.10 -15.35
CA LYS A 37 59.46 9.90 -15.96
C LYS A 37 59.60 8.80 -14.91
N ARG A 38 58.45 8.31 -14.46
CA ARG A 38 58.39 7.17 -13.54
C ARG A 38 57.10 6.41 -13.81
N GLU A 39 57.19 5.32 -14.57
CA GLU A 39 56.02 4.58 -15.01
C GLU A 39 55.74 3.40 -14.09
N PHE A 40 55.21 3.72 -12.92
CA PHE A 40 54.77 2.69 -11.99
C PHE A 40 53.34 2.26 -12.28
N PRO A 42 50.39 2.52 -15.15
CA PRO A 42 50.13 1.40 -16.06
C PRO A 42 49.35 0.27 -15.41
N ILE A 43 50.06 -0.61 -14.70
CA ILE A 43 49.41 -1.73 -14.03
C ILE A 43 48.45 -1.22 -12.97
N VAL A 44 48.88 -0.21 -12.19
CA VAL A 44 48.02 0.34 -11.16
C VAL A 44 46.75 0.93 -11.77
N TYR A 45 46.90 1.71 -12.84
CA TYR A 45 45.74 2.30 -13.49
C TYR A 45 44.80 1.23 -14.03
N LEU A 46 45.35 0.17 -14.64
CA LEU A 46 44.50 -0.88 -15.19
C LEU A 46 43.76 -1.62 -14.08
N ILE A 47 44.43 -1.91 -12.97
CA ILE A 47 43.78 -2.58 -11.84
C ILE A 47 42.65 -1.71 -11.29
N ILE A 48 42.93 -0.41 -11.13
CA ILE A 48 41.89 0.50 -10.64
C ILE A 48 40.73 0.55 -11.61
N PHE A 49 41.02 0.56 -12.91
CA PHE A 49 39.94 0.59 -13.90
C PHE A 49 39.06 -0.64 -13.77
N PHE A 50 39.67 -1.82 -13.74
CA PHE A 50 38.89 -3.05 -13.59
C PHE A 50 38.02 -2.99 -12.34
N TRP A 51 38.64 -2.84 -11.17
CA TRP A 51 37.87 -2.97 -9.94
C TRP A 51 36.84 -1.86 -9.79
N GLY A 52 37.19 -0.63 -10.19
CA GLY A 52 36.22 0.45 -10.12
C GLY A 52 35.04 0.26 -11.06
N VAL A 53 35.29 -0.21 -12.28
CA VAL A 53 34.18 -0.36 -13.21
C VAL A 53 33.26 -1.49 -12.77
N LEU A 54 33.82 -2.58 -12.23
CA LEU A 54 32.96 -3.64 -11.70
C LEU A 54 32.22 -3.18 -10.45
N GLY A 55 32.85 -2.33 -9.62
CA GLY A 55 32.17 -1.86 -8.42
C GLY A 55 31.11 -0.81 -8.71
N ASN A 56 31.20 -0.15 -9.87
CA ASN A 56 30.31 0.96 -10.14
C ASN A 56 29.19 0.59 -11.11
N GLY A 57 29.45 -0.29 -12.07
CA GLY A 57 28.37 -0.73 -12.95
C GLY A 57 27.28 -1.47 -12.19
N LEU A 58 27.68 -2.36 -11.29
CA LEU A 58 26.74 -3.03 -10.41
C LEU A 58 25.93 -2.02 -9.61
N SER A 59 26.62 -0.99 -9.09
CA SER A 59 25.95 -0.01 -8.24
C SER A 59 24.92 0.77 -9.02
N ILE A 60 25.26 1.21 -10.23
CA ILE A 60 24.27 1.96 -11.02
C ILE A 60 23.12 1.05 -11.44
N TYR A 61 23.42 -0.21 -11.75
CA TYR A 61 22.36 -1.15 -12.11
C TYR A 61 21.36 -1.29 -10.97
N VAL A 62 21.84 -1.49 -9.74
CA VAL A 62 20.92 -1.73 -8.63
C VAL A 62 20.30 -0.44 -8.14
N PHE A 63 20.94 0.71 -8.33
CA PHE A 63 20.25 1.97 -8.10
C PHE A 63 19.19 2.23 -9.15
N LEU A 64 19.25 1.53 -10.28
CA LEU A 64 18.29 1.75 -11.36
C LEU A 64 16.99 0.97 -11.15
N GLN A 65 16.88 0.19 -10.08
CA GLN A 65 15.65 -0.56 -9.86
C GLN A 65 14.55 0.35 -9.33
N PRO A 66 13.29 0.06 -9.68
CA PRO A 66 12.21 1.04 -9.46
C PRO A 66 11.68 1.15 -8.03
N TYR A 67 12.41 0.68 -7.02
CA TYR A 67 11.91 0.66 -5.65
C TYR A 67 11.37 2.00 -5.17
N LYS A 68 10.47 1.98 -4.17
CA LYS A 68 10.19 3.19 -3.40
C LYS A 68 11.40 3.39 -2.48
N LYS A 69 12.48 3.88 -3.08
CA LYS A 69 13.84 3.48 -2.71
C LYS A 69 14.14 3.47 -1.21
N SER A 70 14.38 4.61 -0.58
CA SER A 70 14.09 4.80 0.84
C SER A 70 13.44 6.17 0.99
N THR A 71 14.13 7.14 0.41
CA THR A 71 13.84 8.57 0.44
C THR A 71 14.76 9.20 -0.60
N SER A 72 14.86 10.52 -0.63
CA SER A 72 15.79 11.17 -1.55
C SER A 72 17.21 11.08 -0.98
N VAL A 73 17.74 9.86 -0.96
CA VAL A 73 19.11 9.64 -0.54
C VAL A 73 19.86 8.89 -1.63
N ASN A 74 19.13 8.13 -2.45
CA ASN A 74 19.77 7.42 -3.54
C ASN A 74 19.96 8.30 -4.77
N VAL A 75 19.34 9.48 -4.80
CA VAL A 75 19.70 10.46 -5.82
C VAL A 75 21.14 10.90 -5.62
N PHE A 76 21.54 11.15 -4.37
CA PHE A 76 22.90 11.58 -4.09
C PHE A 76 23.90 10.47 -4.38
N MET A 77 23.60 9.25 -3.98
CA MET A 77 24.48 8.15 -4.30
C MET A 77 24.50 7.84 -5.78
N LEU A 78 23.41 8.09 -6.50
CA LEU A 78 23.41 7.95 -7.95
C LEU A 78 24.33 8.98 -8.58
N ASN A 79 24.26 10.22 -8.09
CA ASN A 79 25.15 11.27 -8.56
C ASN A 79 26.61 10.87 -8.35
N LEU A 80 26.93 10.41 -7.15
CA LEU A 80 28.30 10.01 -6.86
C LEU A 80 28.72 8.84 -7.73
N ALA A 81 27.82 7.89 -7.95
CA ALA A 81 28.13 6.73 -8.77
C ALA A 81 28.44 7.14 -10.20
N ILE A 82 27.63 8.04 -10.78
CA ILE A 82 27.88 8.43 -12.16
C ILE A 82 29.14 9.28 -12.25
N SER A 83 29.40 10.13 -11.26
CA SER A 83 30.67 10.87 -11.25
C SER A 83 31.86 9.92 -11.27
N ASP A 84 31.83 8.92 -10.39
CA ASP A 84 32.90 7.94 -10.33
C ASP A 84 33.01 7.14 -11.63
N LEU A 85 31.87 6.81 -12.24
CA LEU A 85 31.89 6.07 -13.48
C LEU A 85 32.56 6.86 -14.60
N LEU A 86 32.16 8.12 -14.77
CA LEU A 86 32.79 8.93 -15.81
C LEU A 86 34.27 9.15 -15.54
N PHE A 87 34.65 9.34 -14.26
CA PHE A 87 36.06 9.49 -13.94
C PHE A 87 36.85 8.25 -14.32
N ILE A 88 36.39 7.08 -13.86
CA ILE A 88 37.10 5.86 -14.16
C ILE A 88 37.05 5.53 -15.65
N SER A 89 36.09 6.10 -16.38
CA SER A 89 36.05 5.93 -17.82
C SER A 89 37.11 6.79 -18.50
N THR A 90 37.34 7.99 -17.97
CA THR A 90 38.43 8.82 -18.47
C THR A 90 39.78 8.20 -18.16
N LEU A 91 39.86 7.43 -17.07
CA LEU A 91 41.15 6.90 -16.61
C LEU A 91 41.96 6.13 -17.67
N PRO A 92 41.39 5.20 -18.44
CA PRO A 92 42.25 4.39 -19.34
C PRO A 92 43.04 5.19 -20.35
N PHE A 93 42.49 6.29 -20.88
CA PHE A 93 43.24 7.01 -21.91
C PHE A 93 44.40 7.81 -21.32
N ARG A 94 44.23 8.41 -20.15
CA ARG A 94 45.40 9.01 -19.50
C ARG A 94 46.38 7.96 -19.02
N ALA A 95 45.91 6.74 -18.74
CA ALA A 95 46.82 5.64 -18.48
C ALA A 95 47.66 5.34 -19.71
N ASP A 96 47.03 5.32 -20.89
CA ASP A 96 47.76 5.14 -22.14
C ASP A 96 48.76 6.26 -22.34
N TYR A 97 48.35 7.51 -22.05
CA TYR A 97 49.26 8.65 -22.19
C TYR A 97 50.48 8.50 -21.30
N TYR A 98 50.28 8.18 -20.03
CA TYR A 98 51.41 8.04 -19.11
C TYR A 98 52.24 6.80 -19.39
N LEU A 99 51.67 5.79 -20.05
CA LEU A 99 52.45 4.64 -20.49
C LEU A 99 53.24 4.98 -21.74
N ARG A 100 52.52 5.32 -22.82
CA ARG A 100 53.14 5.76 -24.06
C ARG A 100 52.98 7.28 -24.11
N GLY A 101 54.07 7.99 -23.84
CA GLY A 101 54.02 9.43 -23.73
C GLY A 101 53.45 10.16 -24.94
N SER A 102 53.79 9.67 -26.13
CA SER A 102 53.39 10.31 -27.37
C SER A 102 52.15 9.69 -28.00
N ASN A 103 51.54 8.70 -27.34
CA ASN A 103 50.39 8.01 -27.93
C ASN A 103 49.13 8.85 -27.90
N TRP A 104 48.83 9.51 -26.77
CA TRP A 104 47.57 10.21 -26.64
C TRP A 104 47.54 11.50 -27.45
N ILE A 105 48.65 12.25 -27.48
CA ILE A 105 48.71 13.46 -28.27
C ILE A 105 48.41 13.19 -29.73
N PHE A 106 48.60 11.95 -30.18
CA PHE A 106 48.15 11.56 -31.51
C PHE A 106 46.63 11.64 -31.64
N GLY A 107 45.91 11.30 -30.57
CA GLY A 107 44.49 11.03 -30.68
C GLY A 107 43.65 12.08 -31.35
N ASP A 108 43.42 13.22 -30.68
CA ASP A 108 42.69 14.33 -31.29
C ASP A 108 42.66 15.56 -30.38
N LEU A 109 41.88 16.56 -30.79
CA LEU A 109 41.61 17.76 -30.01
C LEU A 109 41.13 17.45 -28.60
N ALA A 110 40.69 16.21 -28.37
CA ALA A 110 40.01 15.87 -27.13
C ALA A 110 40.92 15.93 -25.91
N CYS A 111 42.23 16.04 -26.10
CA CYS A 111 43.14 16.08 -24.96
C CYS A 111 42.74 17.17 -23.97
N ARG A 112 42.51 18.39 -24.46
CA ARG A 112 42.22 19.53 -23.60
C ARG A 112 40.87 19.37 -22.91
N ILE A 113 39.83 19.04 -23.68
CA ILE A 113 38.52 18.85 -23.07
C ILE A 113 38.57 17.71 -22.07
N MET A 114 39.21 16.60 -22.43
CA MET A 114 39.36 15.47 -21.53
C MET A 114 39.95 15.93 -20.22
N SER A 115 41.20 16.38 -20.24
CA SER A 115 41.87 16.79 -19.01
C SER A 115 41.05 17.81 -18.23
N TYR A 116 40.86 18.99 -18.81
CA TYR A 116 40.24 20.08 -18.07
C TYR A 116 38.82 19.75 -17.64
N SER A 117 37.92 19.54 -18.60
CA SER A 117 36.51 19.37 -18.27
C SER A 117 36.15 17.93 -17.96
N LEU A 118 37.12 17.08 -17.63
CA LEU A 118 36.83 15.79 -17.03
C LEU A 118 37.53 15.60 -15.69
N TYR A 119 38.42 16.52 -15.31
CA TYR A 119 38.79 16.67 -13.91
C TYR A 119 37.85 17.61 -13.18
N VAL A 120 36.77 18.02 -13.84
CA VAL A 120 35.60 18.54 -13.13
C VAL A 120 34.98 17.42 -12.30
N ASN A 121 35.21 16.17 -12.68
CA ASN A 121 34.63 15.05 -11.95
C ASN A 121 35.15 14.98 -10.53
N MET A 122 36.46 15.06 -10.35
CA MET A 122 37.04 14.95 -9.01
C MET A 122 36.47 16.00 -8.08
N TYR A 123 36.41 17.25 -8.51
CA TYR A 123 35.85 18.31 -7.64
C TYR A 123 34.38 18.17 -7.50
N SER A 124 33.74 17.43 -8.38
CA SER A 124 32.32 17.21 -8.20
C SER A 124 32.07 15.96 -7.36
N SER A 125 32.87 14.92 -7.59
CA SER A 125 32.79 13.73 -6.75
C SER A 125 33.04 14.05 -5.28
N ILE A 126 33.89 15.04 -5.01
CA ILE A 126 34.12 15.46 -3.63
C ILE A 126 32.84 16.05 -3.05
N TYR A 127 32.20 16.95 -3.79
CA TYR A 127 31.02 17.61 -3.27
C TYR A 127 29.87 16.65 -3.10
N PHE A 128 29.79 15.62 -3.93
CA PHE A 128 28.70 14.66 -3.77
C PHE A 128 28.89 13.81 -2.52
N LEU A 129 30.13 13.40 -2.24
CA LEU A 129 30.36 12.67 -1.00
C LEU A 129 30.19 13.57 0.22
N THR A 130 30.53 14.86 0.11
CA THR A 130 30.33 15.72 1.27
C THR A 130 28.85 16.02 1.50
N VAL A 131 28.06 16.14 0.44
CA VAL A 131 26.62 16.34 0.65
C VAL A 131 25.99 15.05 1.16
N LEU A 132 26.51 13.90 0.74
CA LEU A 132 26.05 12.64 1.31
C LEU A 132 26.35 12.57 2.79
N SER A 133 27.53 13.02 3.20
CA SER A 133 27.85 13.09 4.63
C SER A 133 26.95 14.06 5.37
N VAL A 134 26.63 15.21 4.79
CA VAL A 134 25.71 16.13 5.44
C VAL A 134 24.34 15.51 5.60
N VAL A 135 23.88 14.78 4.58
CA VAL A 135 22.59 14.10 4.67
C VAL A 135 22.61 13.05 5.77
N ARG A 136 23.69 12.27 5.85
CA ARG A 136 23.80 11.28 6.91
C ARG A 136 23.81 11.94 8.28
N PHE A 137 24.52 13.05 8.42
CA PHE A 137 24.53 13.75 9.69
C PHE A 137 23.14 14.23 10.07
N LEU A 138 22.41 14.79 9.10
CA LEU A 138 21.05 15.25 9.39
C LEU A 138 20.16 14.09 9.79
N ALA A 139 20.31 12.95 9.13
CA ALA A 139 19.45 11.80 9.41
C ALA A 139 19.73 11.24 10.80
N MET A 140 20.95 10.93 11.13
CA MET A 140 21.37 10.39 12.39
C MET A 140 21.38 11.29 13.58
N VAL A 141 21.82 12.45 13.45
CA VAL A 141 21.96 13.31 14.62
C VAL A 141 20.70 14.14 14.88
N HIS A 142 20.01 14.57 13.83
CA HIS A 142 18.80 15.39 13.97
C HIS A 142 17.66 14.73 13.21
N PRO A 143 17.17 13.59 13.70
CA PRO A 143 16.19 12.83 12.92
C PRO A 143 14.80 13.44 12.94
N PHE A 144 14.45 14.20 13.98
CA PHE A 144 13.13 14.81 14.02
C PHE A 144 13.15 16.21 13.40
N ARG A 145 13.78 16.30 12.24
CA ARG A 145 13.74 17.47 11.38
C ARG A 145 13.85 16.94 9.96
N LEU A 146 12.71 16.74 9.29
CA LEU A 146 12.70 16.11 7.99
C LEU A 146 13.25 17.11 6.97
N LEU A 147 14.57 17.15 6.88
CA LEU A 147 15.30 18.03 5.97
C LEU A 147 16.00 17.22 4.90
N HIS A 148 15.49 16.01 4.64
CA HIS A 148 16.05 15.15 3.61
C HIS A 148 14.87 14.39 3.00
N VAL A 149 14.31 14.96 1.93
CA VAL A 149 13.01 14.54 1.41
C VAL A 149 13.02 14.77 -0.10
N THR A 150 11.87 14.54 -0.73
CA THR A 150 11.65 14.93 -2.12
C THR A 150 12.46 14.33 -3.28
N SER A 151 12.49 13.02 -3.34
CA SER A 151 13.24 12.30 -4.36
C SER A 151 13.11 12.75 -5.77
N ILE A 152 11.91 13.05 -6.21
CA ILE A 152 11.74 13.43 -7.61
C ILE A 152 12.76 14.54 -7.82
N ARG A 153 12.64 15.64 -7.09
CA ARG A 153 13.09 16.94 -7.45
C ARG A 153 13.67 18.17 -6.83
N SER A 154 13.46 18.23 -5.50
CA SER A 154 14.12 18.94 -4.40
C SER A 154 15.31 18.22 -3.90
N ALA A 155 15.64 17.17 -4.68
CA ALA A 155 16.89 16.44 -4.56
C ALA A 155 17.69 16.55 -5.85
N TRP A 156 17.04 16.30 -6.98
CA TRP A 156 17.70 16.50 -8.27
C TRP A 156 17.90 17.98 -8.61
N ILE A 157 17.17 18.88 -7.97
CA ILE A 157 17.54 20.31 -8.10
C ILE A 157 18.94 20.53 -7.57
N LEU A 158 19.27 19.91 -6.43
CA LEU A 158 20.64 20.01 -5.93
C LEU A 158 21.63 19.33 -6.87
N CYS A 159 21.24 18.22 -7.47
CA CYS A 159 22.10 17.59 -8.47
C CYS A 159 22.41 18.56 -9.61
N GLY A 160 21.37 19.18 -10.17
CA GLY A 160 21.57 20.11 -11.25
C GLY A 160 22.39 21.33 -10.82
N ILE A 161 22.11 21.84 -9.63
CA ILE A 161 22.84 23.01 -9.15
C ILE A 161 24.32 22.69 -9.03
N ILE A 162 24.66 21.59 -8.36
CA ILE A 162 26.07 21.24 -8.20
C ILE A 162 26.71 21.00 -9.56
N TRP A 163 26.10 20.15 -10.39
CA TRP A 163 26.71 19.81 -11.67
C TRP A 163 26.93 21.03 -12.54
N ILE A 164 25.87 21.79 -12.79
CA ILE A 164 25.94 22.91 -13.72
C ILE A 164 26.79 24.03 -13.15
N LEU A 165 26.70 24.27 -11.84
CA LEU A 165 27.52 25.32 -11.23
C LEU A 165 29.00 25.00 -11.33
N ILE A 166 29.38 23.74 -11.05
CA ILE A 166 30.78 23.36 -11.20
C ILE A 166 31.23 23.50 -12.65
N MET A 167 30.41 23.00 -13.58
CA MET A 167 30.76 23.14 -15.00
C MET A 167 30.97 24.61 -15.37
N ALA A 168 30.03 25.48 -15.00
CA ALA A 168 30.13 26.89 -15.36
C ALA A 168 31.35 27.53 -14.72
N SER A 169 31.62 27.22 -13.45
CA SER A 169 32.83 27.75 -12.82
C SER A 169 34.08 27.18 -13.47
N SER A 170 33.93 26.11 -14.26
CA SER A 170 35.07 25.58 -14.97
C SER A 170 35.17 26.11 -16.40
N ILE A 171 34.10 26.69 -16.95
CA ILE A 171 34.12 27.09 -18.36
C ILE A 171 34.74 28.47 -18.53
N MET A 172 35.35 29.01 -17.47
CA MET A 172 36.09 30.25 -17.60
C MET A 172 37.52 30.05 -18.10
N LEU A 173 38.08 28.85 -17.93
CA LEU A 173 39.48 28.64 -18.31
C LEU A 173 39.71 27.30 -19.03
N LEU A 174 38.82 26.91 -19.93
CA LEU A 174 39.07 25.74 -20.76
C LEU A 174 40.29 25.96 -21.64
N ASP A 175 41.15 24.95 -21.69
CA ASP A 175 42.39 25.05 -22.46
C ASP A 175 42.11 24.92 -23.96
N TYR A 193 47.81 17.74 -17.71
CA TYR A 193 48.66 17.16 -18.76
C TYR A 193 49.68 18.19 -19.23
N LYS A 194 49.64 18.51 -20.52
CA LYS A 194 50.45 19.59 -21.05
C LYS A 194 50.14 20.87 -20.28
N ILE A 195 51.14 21.39 -19.59
CA ILE A 195 50.85 22.47 -18.71
C ILE A 195 50.47 23.83 -19.26
N ALA A 196 49.64 24.52 -18.49
CA ALA A 196 49.11 25.84 -18.76
C ALA A 196 49.28 26.68 -17.50
N LYS A 197 49.24 28.01 -17.67
CA LYS A 197 49.50 28.89 -16.53
C LYS A 197 48.29 28.89 -15.60
N LEU A 198 48.32 28.02 -14.58
CA LEU A 198 47.24 27.89 -13.63
C LEU A 198 47.70 28.20 -12.19
N GLN A 199 48.56 29.21 -12.05
CA GLN A 199 49.15 29.56 -10.76
C GLN A 199 48.07 29.87 -9.72
N THR A 200 47.29 30.92 -9.95
CA THR A 200 46.25 31.28 -8.99
C THR A 200 45.11 30.28 -9.00
N MET A 201 44.96 29.51 -10.09
CA MET A 201 43.81 28.63 -10.24
C MET A 201 43.78 27.56 -9.15
N ASN A 202 44.92 26.95 -8.85
CA ASN A 202 44.94 25.87 -7.86
C ASN A 202 44.63 26.40 -6.46
N TYR A 203 45.14 27.58 -6.12
CA TYR A 203 44.98 28.08 -4.77
C TYR A 203 43.52 28.37 -4.45
N ILE A 204 42.82 29.07 -5.34
CA ILE A 204 41.42 29.39 -5.10
C ILE A 204 40.57 28.14 -5.17
N ALA A 205 40.99 27.15 -5.96
CA ALA A 205 40.26 25.89 -6.03
C ALA A 205 40.42 25.10 -4.74
N LEU A 206 41.58 25.23 -4.09
CA LEU A 206 41.84 24.46 -2.88
C LEU A 206 41.07 25.00 -1.68
N VAL A 207 41.01 26.32 -1.55
CA VAL A 207 40.44 26.92 -0.34
C VAL A 207 38.95 26.61 -0.23
N VAL A 208 38.28 26.41 -1.36
CA VAL A 208 36.85 26.16 -1.36
C VAL A 208 36.50 24.78 -1.89
N GLY A 209 37.09 24.34 -2.99
CA GLY A 209 36.79 23.04 -3.55
C GLY A 209 37.53 21.88 -2.92
N CYS A 210 38.50 22.13 -2.06
CA CYS A 210 39.24 21.04 -1.44
C CYS A 210 39.11 21.01 0.08
N LEU A 211 39.40 22.13 0.74
CA LEU A 211 39.46 22.11 2.20
C LEU A 211 38.09 22.33 2.82
N LEU A 212 37.23 23.12 2.18
CA LEU A 212 35.91 23.36 2.75
C LEU A 212 35.09 22.08 2.90
N PRO A 213 35.01 21.19 1.91
CA PRO A 213 34.35 19.91 2.17
C PRO A 213 35.02 19.12 3.28
N PHE A 214 36.34 19.25 3.44
CA PHE A 214 37.01 18.59 4.55
C PHE A 214 36.48 19.07 5.88
N PHE A 215 36.35 20.39 6.04
CA PHE A 215 35.83 20.92 7.30
C PHE A 215 34.34 20.70 7.42
N THR A 216 33.70 20.20 6.36
CA THR A 216 32.29 19.87 6.44
C THR A 216 32.08 18.37 6.61
N LEU A 217 32.80 17.56 5.83
CA LEU A 217 32.69 16.11 5.99
C LEU A 217 33.20 15.66 7.35
N SER A 218 34.38 16.13 7.75
CA SER A 218 34.96 15.68 9.01
C SER A 218 34.07 16.05 10.19
N ILE A 219 33.54 17.27 10.19
CA ILE A 219 32.70 17.70 11.30
C ILE A 219 31.42 16.89 11.35
N CYS A 220 30.81 16.62 10.19
CA CYS A 220 29.58 15.84 10.17
C CYS A 220 29.80 14.45 10.74
N TYR A 221 30.85 13.76 10.29
CA TYR A 221 31.09 12.40 10.75
C TYR A 221 31.51 12.38 12.21
N LEU A 222 32.27 13.38 12.66
CA LEU A 222 32.59 13.45 14.09
C LEU A 222 31.33 13.66 14.92
N LEU A 223 30.42 14.51 14.46
CA LEU A 223 29.17 14.72 15.20
C LEU A 223 28.32 13.47 15.21
N ILE A 224 28.38 12.66 14.15
CA ILE A 224 27.68 11.38 14.19
C ILE A 224 28.35 10.44 15.17
N ILE A 225 29.68 10.43 15.20
CA ILE A 225 30.41 9.59 16.14
C ILE A 225 30.08 9.97 17.57
N ARG A 226 29.84 11.24 17.84
CA ARG A 226 29.46 11.63 19.20
C ARG A 226 28.18 10.93 19.63
N VAL A 227 27.24 10.75 18.69
CA VAL A 227 25.99 10.07 19.02
C VAL A 227 26.22 8.60 19.28
N LEU A 228 26.93 7.92 18.37
CA LEU A 228 27.03 6.47 18.44
C LEU A 228 27.72 6.01 19.72
N LEU A 229 28.64 6.81 20.25
CA LEU A 229 29.30 6.44 21.49
C LEU A 229 28.29 6.28 22.63
N LYS A 230 27.44 7.28 22.85
CA LYS A 230 26.40 7.19 23.85
C LYS A 230 25.40 8.33 23.71
N GLY A 237 20.99 -0.07 20.92
CA GLY A 237 21.83 -1.26 20.89
C GLY A 237 23.25 -0.97 20.46
N LEU A 238 24.19 -1.08 21.41
CA LEU A 238 25.58 -0.80 21.11
C LEU A 238 26.14 -1.77 20.07
N ARG A 239 26.20 -3.04 20.42
CA ARG A 239 27.02 -4.00 19.67
C ARG A 239 26.62 -4.06 18.20
N VAL A 240 25.39 -4.50 17.93
CA VAL A 240 25.02 -4.84 16.56
C VAL A 240 25.08 -3.62 15.66
N SER A 241 24.53 -2.50 16.12
CA SER A 241 24.34 -1.34 15.27
C SER A 241 25.43 -0.29 15.43
N HIS A 242 25.64 0.18 16.66
CA HIS A 242 26.55 1.30 16.88
C HIS A 242 27.98 0.95 16.48
N ARG A 243 28.43 -0.26 16.80
CA ARG A 243 29.79 -0.64 16.47
C ARG A 243 30.00 -0.72 14.96
N LYS A 244 29.06 -1.33 14.26
CA LYS A 244 29.14 -1.42 12.80
C LYS A 244 28.92 -0.10 12.04
N ALA A 245 28.24 0.83 12.65
CA ALA A 245 28.19 2.18 12.10
C ALA A 245 29.48 2.93 12.38
N LEU A 246 30.03 2.77 13.58
CA LEU A 246 31.28 3.43 13.92
C LEU A 246 32.42 2.95 13.03
N THR A 247 32.47 1.64 12.78
CA THR A 247 33.52 1.11 11.92
C THR A 247 33.40 1.68 10.51
N THR A 248 32.18 1.65 9.95
CA THR A 248 32.01 2.18 8.59
C THR A 248 32.36 3.66 8.53
N ILE A 249 31.94 4.43 9.53
CA ILE A 249 32.19 5.87 9.52
C ILE A 249 33.69 6.16 9.61
N ILE A 250 34.37 5.49 10.54
CA ILE A 250 35.79 5.76 10.72
C ILE A 250 36.59 5.31 9.49
N ILE A 251 36.19 4.21 8.87
CA ILE A 251 36.88 3.76 7.66
C ILE A 251 36.67 4.75 6.52
N THR A 252 35.44 5.24 6.36
CA THR A 252 35.18 6.26 5.35
C THR A 252 36.02 7.49 5.59
N LEU A 253 36.07 7.95 6.85
CA LEU A 253 36.84 9.13 7.20
C LEU A 253 38.32 8.93 6.85
N ILE A 254 38.89 7.80 7.26
CA ILE A 254 40.31 7.58 7.06
C ILE A 254 40.65 7.48 5.58
N ILE A 255 39.85 6.74 4.81
CA ILE A 255 40.17 6.59 3.39
C ILE A 255 39.97 7.90 2.64
N PHE A 256 38.93 8.67 2.98
CA PHE A 256 38.81 9.99 2.37
C PHE A 256 40.02 10.86 2.69
N PHE A 257 40.44 10.89 3.95
CA PHE A 257 41.60 11.69 4.33
C PHE A 257 42.86 11.20 3.63
N LEU A 258 42.85 9.93 3.32
CA LEU A 258 43.97 9.36 2.65
C LEU A 258 44.26 9.93 1.30
N CYS A 259 43.38 9.65 0.34
CA CYS A 259 43.52 10.08 -1.05
C CYS A 259 43.54 11.56 -1.26
N PHE A 260 42.37 12.14 -1.15
CA PHE A 260 42.17 13.52 -1.38
C PHE A 260 43.15 14.44 -0.80
N LEU A 261 43.40 14.37 0.48
CA LEU A 261 44.39 15.28 1.00
C LEU A 261 45.75 15.01 0.39
N PRO A 262 46.29 13.79 0.53
CA PRO A 262 47.48 13.60 -0.28
C PRO A 262 47.55 13.96 -1.78
N TYR A 263 46.49 14.01 -2.59
CA TYR A 263 46.73 14.52 -3.93
C TYR A 263 46.74 16.07 -3.85
N HIS A 264 45.75 16.67 -3.19
CA HIS A 264 45.77 18.12 -3.18
C HIS A 264 46.99 18.88 -2.69
N THR A 265 47.45 18.66 -1.47
CA THR A 265 48.57 19.41 -0.90
C THR A 265 49.82 19.26 -1.76
N LEU A 266 50.11 18.04 -2.24
CA LEU A 266 51.27 17.85 -3.10
C LEU A 266 51.13 18.60 -4.41
N ARG A 267 49.92 18.60 -5.01
CA ARG A 267 49.76 19.32 -6.27
C ARG A 267 49.87 20.82 -6.05
N THR A 268 49.41 21.34 -4.92
CA THR A 268 49.57 22.76 -4.66
C THR A 268 51.03 23.14 -4.46
N VAL A 269 51.65 22.55 -3.47
CA VAL A 269 53.00 23.00 -3.19
C VAL A 269 53.72 23.44 -4.44
N HIS A 270 53.86 22.54 -5.39
CA HIS A 270 54.59 22.82 -6.60
C HIS A 270 53.80 23.57 -7.66
N LEU A 271 52.49 23.78 -7.43
CA LEU A 271 51.68 24.61 -8.32
C LEU A 271 52.43 25.79 -7.85
N THR A 272 53.40 25.51 -6.98
CA THR A 272 54.21 26.55 -6.38
C THR A 272 55.72 26.34 -6.35
N THR A 273 56.20 25.11 -6.34
CA THR A 273 57.65 24.96 -6.27
C THR A 273 58.29 24.36 -7.53
N TRP A 274 57.99 23.11 -7.85
CA TRP A 274 58.89 22.35 -8.72
C TRP A 274 58.94 22.31 -10.24
N LYS A 275 58.02 23.09 -10.80
CA LYS A 275 58.05 23.40 -12.23
C LYS A 275 58.51 24.87 -12.38
N VAL A 276 58.49 25.65 -11.29
CA VAL A 276 58.98 27.02 -11.33
C VAL A 276 60.34 26.99 -10.63
N GLY A 277 60.64 25.87 -9.98
CA GLY A 277 61.90 25.68 -9.29
C GLY A 277 62.37 24.25 -9.42
N LEU A 278 63.04 23.75 -8.38
CA LEU A 278 63.68 22.45 -8.40
C LEU A 278 62.91 21.44 -7.55
N CYS A 279 63.25 20.17 -7.75
CA CYS A 279 62.62 19.06 -7.00
C CYS A 279 63.68 18.00 -6.73
N LYS A 280 63.23 16.86 -6.22
CA LYS A 280 64.03 15.65 -6.11
C LYS A 280 63.09 14.47 -6.01
N ASP A 281 63.65 13.27 -6.17
CA ASP A 281 62.88 12.08 -6.52
C ASP A 281 61.70 11.81 -5.59
N ARG A 282 61.83 12.09 -4.30
CA ARG A 282 60.74 11.78 -3.36
C ARG A 282 59.48 12.56 -3.69
N LEU A 283 59.63 13.83 -4.06
CA LEU A 283 58.48 14.72 -4.21
C LEU A 283 57.52 14.21 -5.29
N HIS A 284 57.99 14.12 -6.54
CA HIS A 284 57.08 13.77 -7.61
C HIS A 284 56.71 12.29 -7.59
N LYS A 285 57.57 11.43 -7.04
CA LYS A 285 57.15 10.04 -6.83
C LYS A 285 55.97 9.98 -5.86
N ALA A 286 56.03 10.74 -4.77
CA ALA A 286 54.89 10.84 -3.87
C ALA A 286 53.69 11.44 -4.59
N LEU A 287 54.02 12.21 -5.64
CA LEU A 287 53.10 12.89 -6.57
C LEU A 287 52.29 11.85 -7.30
N VAL A 288 52.97 10.74 -7.59
CA VAL A 288 52.32 9.62 -8.23
C VAL A 288 51.42 8.95 -7.22
N ILE A 289 51.83 8.99 -5.96
CA ILE A 289 51.03 8.52 -4.88
C ILE A 289 49.71 9.24 -4.97
N THR A 290 49.67 10.57 -5.03
CA THR A 290 48.35 11.20 -5.10
C THR A 290 47.56 10.82 -6.32
N LEU A 291 48.19 10.73 -7.50
CA LEU A 291 47.33 10.39 -8.63
C LEU A 291 46.77 8.97 -8.49
N ALA A 292 47.63 8.09 -8.07
CA ALA A 292 47.23 6.74 -7.93
C ALA A 292 46.21 6.59 -6.86
N LEU A 293 46.33 7.30 -5.76
CA LEU A 293 45.37 7.11 -4.69
C LEU A 293 44.04 7.69 -5.01
N ALA A 294 44.03 8.75 -5.82
CA ALA A 294 42.78 9.35 -6.21
C ALA A 294 42.09 8.28 -7.01
N ALA A 295 42.80 7.71 -7.97
CA ALA A 295 42.25 6.63 -8.78
C ALA A 295 41.77 5.49 -7.92
N ALA A 296 42.60 5.10 -6.97
CA ALA A 296 42.35 4.02 -6.03
C ALA A 296 40.99 4.12 -5.37
N ASN A 297 40.63 5.32 -4.91
CA ASN A 297 39.30 5.51 -4.36
C ASN A 297 38.17 4.92 -5.26
N ALA A 298 38.01 5.34 -6.51
CA ALA A 298 36.94 4.72 -7.29
C ALA A 298 36.79 3.24 -7.00
N CYS A 299 37.87 2.56 -6.59
CA CYS A 299 37.76 1.17 -6.22
C CYS A 299 37.03 0.99 -4.89
N PHE A 300 37.26 1.89 -3.94
CA PHE A 300 36.71 1.71 -2.60
C PHE A 300 35.30 2.28 -2.48
N ASN A 301 34.99 3.33 -3.24
CA ASN A 301 33.69 3.99 -3.14
C ASN A 301 32.50 3.04 -3.25
N PRO A 302 32.55 1.97 -4.06
CA PRO A 302 31.50 0.97 -3.98
C PRO A 302 31.47 0.25 -2.64
N LEU A 303 32.63 -0.22 -2.17
CA LEU A 303 32.65 -1.00 -0.94
C LEU A 303 32.45 -0.11 0.29
N LEU A 304 32.99 1.11 0.27
CA LEU A 304 32.88 1.97 1.44
C LEU A 304 31.44 2.35 1.77
N TYR A 305 30.80 3.13 0.90
CA TYR A 305 29.52 3.72 1.27
C TYR A 305 28.39 2.70 1.23
N TYR A 306 28.44 1.73 0.31
CA TYR A 306 27.30 0.86 0.15
C TYR A 306 27.71 -0.60 -0.06
N PHE A 307 28.61 -1.08 0.79
CA PHE A 307 28.75 -2.52 1.03
C PHE A 307 28.23 -2.95 2.39
N ALA A 308 28.36 -2.11 3.42
CA ALA A 308 27.93 -2.47 4.75
C ALA A 308 26.52 -1.96 5.08
N GLY A 309 25.86 -1.30 4.14
CA GLY A 309 24.56 -0.71 4.40
C GLY A 309 23.41 -1.65 4.13
N GLU A 310 22.32 -1.55 4.83
CA GLU A 310 21.37 -2.50 4.35
C GLU A 310 20.65 -1.94 3.17
N ASN A 311 20.22 -0.68 3.16
CA ASN A 311 19.52 -0.12 2.01
C ASN A 311 20.04 -0.72 0.70
N PHE A 312 21.33 -0.53 0.48
CA PHE A 312 21.92 -0.94 -0.79
C PHE A 312 21.87 -2.45 -0.93
N LYS A 313 22.42 -3.18 0.05
CA LYS A 313 22.48 -4.63 -0.04
C LYS A 313 21.10 -5.27 -0.10
N ASP A 314 20.05 -4.52 0.22
CA ASP A 314 18.70 -5.04 0.04
C ASP A 314 18.44 -5.34 -1.43
N ARG A 315 18.69 -4.37 -2.31
CA ARG A 315 18.33 -4.50 -3.71
C ARG A 315 18.99 -5.71 -4.36
N LEU A 316 20.32 -5.70 -4.43
CA LEU A 316 21.05 -6.78 -5.07
C LEU A 316 20.89 -8.10 -4.33
N SER B 4 -24.93 -22.60 25.81
CA SER B 4 -24.21 -23.46 24.88
C SER B 4 -25.12 -24.51 24.29
N ILE B 5 -26.24 -24.78 24.98
CA ILE B 5 -27.17 -25.80 24.52
C ILE B 5 -27.83 -25.36 23.22
N ALA B 6 -28.18 -24.07 23.13
CA ALA B 6 -28.76 -23.55 21.90
C ALA B 6 -27.76 -23.54 20.77
N GLN B 7 -26.47 -23.39 21.07
CA GLN B 7 -25.45 -23.47 20.05
C GLN B 7 -25.35 -24.89 19.49
N ALA B 8 -25.37 -25.89 20.35
CA ALA B 8 -25.42 -27.26 19.85
C ALA B 8 -26.69 -27.49 19.04
N ARG B 9 -27.80 -26.91 19.49
CA ARG B 9 -29.05 -26.99 18.74
C ARG B 9 -28.88 -26.45 17.32
N LYS B 10 -28.29 -25.26 17.19
CA LYS B 10 -28.25 -24.62 15.89
C LYS B 10 -27.19 -25.26 14.99
N LEU B 11 -26.11 -25.80 15.56
CA LEU B 11 -25.21 -26.60 14.74
C LEU B 11 -25.89 -27.86 14.23
N VAL B 12 -26.57 -28.61 15.11
CA VAL B 12 -27.17 -29.86 14.61
C VAL B 12 -28.24 -29.55 13.58
N GLU B 13 -29.02 -28.48 13.77
CA GLU B 13 -30.00 -28.10 12.77
C GLU B 13 -29.33 -27.86 11.42
N GLN B 14 -28.22 -27.13 11.41
CA GLN B 14 -27.50 -26.90 10.18
C GLN B 14 -26.95 -28.21 9.61
N LEU B 15 -26.25 -28.99 10.44
CA LEU B 15 -25.65 -30.21 9.94
C LEU B 15 -26.69 -31.16 9.37
N LYS B 16 -27.95 -31.01 9.75
CA LYS B 16 -29.02 -31.73 9.07
C LYS B 16 -29.13 -31.27 7.63
N MET B 17 -29.03 -29.96 7.41
CA MET B 17 -29.29 -29.38 6.09
C MET B 17 -28.22 -29.80 5.08
N GLU B 18 -26.95 -29.65 5.42
CA GLU B 18 -25.92 -30.07 4.48
C GLU B 18 -25.96 -31.58 4.24
N ALA B 19 -26.45 -32.34 5.22
CA ALA B 19 -26.53 -33.79 5.06
C ALA B 19 -27.67 -34.17 4.12
N ASN B 20 -28.82 -33.52 4.29
CA ASN B 20 -30.02 -33.87 3.55
C ASN B 20 -30.14 -33.06 2.26
N ILE B 21 -29.01 -32.61 1.73
CA ILE B 21 -28.99 -31.82 0.51
C ILE B 21 -28.44 -32.72 -0.58
N ASP B 22 -28.89 -32.49 -1.81
CA ASP B 22 -28.49 -33.32 -2.92
C ASP B 22 -27.11 -32.95 -3.43
N ARG B 23 -26.38 -33.96 -3.90
CA ARG B 23 -25.04 -33.77 -4.45
C ARG B 23 -24.98 -34.42 -5.82
N ILE B 24 -24.62 -33.63 -6.83
CA ILE B 24 -24.41 -34.14 -8.17
C ILE B 24 -23.00 -34.72 -8.23
N LYS B 25 -22.88 -35.93 -8.77
CA LYS B 25 -21.62 -36.65 -8.68
C LYS B 25 -20.49 -35.85 -9.32
N VAL B 26 -19.26 -36.05 -8.83
CA VAL B 26 -18.12 -35.19 -9.14
C VAL B 26 -17.79 -35.24 -10.62
N SER B 27 -18.12 -36.34 -11.29
CA SER B 27 -17.85 -36.45 -12.71
C SER B 27 -18.57 -35.32 -13.46
N LYS B 28 -19.83 -35.09 -13.12
CA LYS B 28 -20.62 -34.05 -13.77
C LYS B 28 -19.99 -32.68 -13.56
N ALA B 29 -19.58 -32.37 -12.33
CA ALA B 29 -19.08 -31.04 -12.04
C ALA B 29 -17.73 -30.80 -12.70
N ALA B 30 -16.85 -31.81 -12.69
CA ALA B 30 -15.58 -31.70 -13.40
C ALA B 30 -15.82 -31.50 -14.90
N ALA B 31 -16.73 -32.29 -15.47
CA ALA B 31 -17.03 -32.16 -16.89
C ALA B 31 -17.61 -30.80 -17.21
N ASP B 32 -18.47 -30.28 -16.32
CA ASP B 32 -19.09 -28.98 -16.55
C ASP B 32 -18.06 -27.86 -16.52
N LEU B 33 -17.13 -27.90 -15.56
CA LEU B 33 -16.09 -26.88 -15.55
C LEU B 33 -15.19 -26.98 -16.78
N MET B 34 -14.84 -28.20 -17.18
CA MET B 34 -13.99 -28.37 -18.36
C MET B 34 -14.71 -27.88 -19.62
N ALA B 35 -16.01 -28.16 -19.74
CA ALA B 35 -16.77 -27.68 -20.88
C ALA B 35 -16.90 -26.16 -20.87
N TYR B 36 -17.10 -25.56 -19.70
CA TYR B 36 -17.12 -24.10 -19.63
C TYR B 36 -15.79 -23.51 -20.05
N CYS B 37 -14.69 -24.12 -19.63
CA CYS B 37 -13.39 -23.61 -20.01
C CYS B 37 -13.16 -23.72 -21.50
N GLU B 38 -13.59 -24.84 -22.10
CA GLU B 38 -13.53 -24.99 -23.54
C GLU B 38 -14.38 -23.93 -24.24
N ALA B 39 -15.54 -23.61 -23.69
CA ALA B 39 -16.47 -22.70 -24.34
C ALA B 39 -15.88 -21.29 -24.42
N HIS B 40 -15.13 -20.88 -23.42
CA HIS B 40 -14.70 -19.50 -23.31
C HIS B 40 -13.20 -19.30 -23.49
N ALA B 41 -12.47 -20.32 -23.97
CA ALA B 41 -11.03 -20.19 -24.10
C ALA B 41 -10.66 -19.13 -25.13
N LYS B 42 -11.36 -19.12 -26.26
CA LYS B 42 -11.00 -18.25 -27.38
C LYS B 42 -11.10 -16.77 -27.03
N GLU B 43 -11.84 -16.43 -25.98
CA GLU B 43 -12.06 -15.04 -25.62
C GLU B 43 -11.51 -14.69 -24.25
N ASP B 44 -10.54 -15.45 -23.75
CA ASP B 44 -9.85 -15.06 -22.53
C ASP B 44 -8.54 -14.39 -22.92
N PRO B 45 -8.46 -13.07 -22.83
CA PRO B 45 -7.28 -12.36 -23.34
C PRO B 45 -6.08 -12.40 -22.43
N LEU B 46 -6.11 -13.28 -21.43
CA LEU B 46 -4.96 -13.57 -20.60
C LEU B 46 -4.37 -14.93 -20.88
N LEU B 47 -5.14 -15.88 -21.40
CA LEU B 47 -4.68 -17.21 -21.76
C LEU B 47 -4.20 -17.28 -23.20
N THR B 48 -5.07 -16.93 -24.15
CA THR B 48 -4.69 -16.70 -25.53
C THR B 48 -4.44 -15.20 -25.65
N PRO B 49 -3.18 -14.78 -25.60
CA PRO B 49 -2.88 -13.34 -25.52
C PRO B 49 -3.45 -12.58 -26.70
N VAL B 50 -3.73 -11.30 -26.46
CA VAL B 50 -4.48 -10.50 -27.42
C VAL B 50 -3.72 -10.39 -28.73
N ALA B 52 -4.39 -10.31 -29.70
CA ALA B 52 -3.88 -10.34 -31.06
C ALA B 52 -3.44 -8.94 -31.50
N SER B 53 -4.42 -8.00 -31.45
CA SER B 53 -4.15 -6.61 -31.80
C SER B 53 -4.89 -5.60 -30.92
N GLU B 54 -5.92 -6.03 -30.19
CA GLU B 54 -6.85 -5.06 -29.62
C GLU B 54 -6.59 -4.70 -28.17
N ASN B 55 -5.54 -5.23 -27.55
CA ASN B 55 -5.42 -5.06 -26.10
C ASN B 55 -5.15 -3.60 -25.77
N PRO B 56 -5.77 -3.07 -24.72
CA PRO B 56 -5.70 -1.64 -24.45
C PRO B 56 -4.53 -1.23 -23.58
N PHE B 57 -3.64 -2.15 -23.24
CA PHE B 57 -2.52 -1.85 -22.36
C PHE B 57 -1.18 -2.10 -23.05
N ARG B 58 -1.00 -1.56 -24.25
CA ARG B 58 0.30 -1.63 -24.90
C ARG B 58 1.03 -0.30 -24.78
N GLU B 59 2.35 -0.36 -24.93
CA GLU B 59 3.22 0.82 -24.95
C GLU B 59 3.02 1.71 -23.73
N VAL C 2 -26.25 25.13 -6.81
CA VAL C 2 -25.45 24.68 -7.94
C VAL C 2 -25.47 25.76 -9.00
N GLN C 3 -25.67 26.99 -8.53
CA GLN C 3 -25.93 28.15 -9.37
C GLN C 3 -24.62 28.79 -9.80
N LEU C 4 -24.62 29.34 -11.01
CA LEU C 4 -23.57 30.24 -11.48
C LEU C 4 -24.23 31.56 -11.85
N VAL C 5 -23.81 32.64 -11.20
CA VAL C 5 -24.35 33.97 -11.46
C VAL C 5 -23.20 34.94 -11.67
N GLU C 6 -23.44 36.02 -12.41
CA GLU C 6 -22.39 36.97 -12.74
C GLU C 6 -22.87 38.38 -12.40
N SER C 7 -22.04 39.37 -12.69
CA SER C 7 -22.29 40.74 -12.27
C SER C 7 -21.87 41.69 -13.38
N GLY C 8 -22.16 42.98 -13.17
CA GLY C 8 -21.79 44.00 -14.13
C GLY C 8 -22.63 43.94 -15.39
N GLY C 9 -22.04 44.46 -16.47
CA GLY C 9 -22.65 44.36 -17.78
C GLY C 9 -23.64 45.46 -18.09
N GLY C 10 -23.66 45.90 -19.33
CA GLY C 10 -24.57 46.94 -19.78
C GLY C 10 -23.99 47.76 -20.92
N LEU C 11 -24.26 49.06 -20.90
CA LEU C 11 -23.69 49.98 -21.89
C LEU C 11 -22.18 50.10 -21.66
N VAL C 12 -21.41 50.15 -22.74
CA VAL C 12 -19.96 50.33 -22.64
C VAL C 12 -19.48 51.11 -23.85
N GLN C 13 -18.39 51.84 -23.66
CA GLN C 13 -17.74 52.58 -24.74
C GLN C 13 -16.82 51.64 -25.52
N PRO C 14 -16.50 51.98 -26.77
CA PRO C 14 -15.64 51.10 -27.58
C PRO C 14 -14.20 51.06 -27.13
N GLY C 15 -13.89 51.69 -26.00
CA GLY C 15 -12.55 51.59 -25.42
C GLY C 15 -12.56 51.53 -23.91
N GLY C 16 -13.67 51.08 -23.32
CA GLY C 16 -13.86 51.15 -21.89
C GLY C 16 -13.51 49.85 -21.20
N SER C 17 -12.92 49.97 -20.00
CA SER C 17 -12.59 48.81 -19.19
C SER C 17 -13.82 48.24 -18.52
N ARG C 18 -14.11 46.95 -18.74
CA ARG C 18 -15.29 46.30 -18.17
C ARG C 18 -14.86 45.09 -17.37
N LYS C 19 -15.23 45.05 -16.09
CA LYS C 19 -14.86 43.97 -15.18
C LYS C 19 -16.00 42.94 -15.04
N LEU C 20 -16.05 42.02 -15.99
CA LEU C 20 -17.12 41.03 -16.02
C LEU C 20 -16.82 39.84 -15.12
N SER C 21 -17.25 39.91 -13.87
CA SER C 21 -16.99 38.83 -12.92
C SER C 21 -18.00 37.70 -13.08
N CYS C 22 -17.72 36.59 -12.41
CA CYS C 22 -18.67 35.50 -12.27
C CYS C 22 -18.70 35.06 -10.82
N SER C 23 -19.80 34.41 -10.42
CA SER C 23 -19.93 33.89 -9.07
C SER C 23 -20.44 32.46 -9.14
N ALA C 24 -19.77 31.59 -8.41
CA ALA C 24 -20.15 30.18 -8.36
C ALA C 24 -20.16 29.73 -6.91
N SER C 25 -21.32 29.86 -6.26
CA SER C 25 -21.42 29.52 -4.85
C SER C 25 -22.36 28.35 -4.65
N GLY C 26 -22.22 27.30 -5.46
CA GLY C 26 -23.10 26.17 -5.32
C GLY C 26 -22.47 24.81 -5.55
N PHE C 27 -21.16 24.75 -5.73
CA PHE C 27 -20.56 23.48 -6.10
C PHE C 27 -19.06 23.50 -5.79
N ALA C 28 -18.37 22.40 -6.09
CA ALA C 28 -16.94 22.27 -5.84
C ALA C 28 -16.13 22.98 -6.91
N PHE C 29 -15.98 24.29 -6.76
CA PHE C 29 -15.46 25.13 -7.84
C PHE C 29 -14.10 24.64 -8.33
N SER C 30 -13.19 24.36 -7.41
CA SER C 30 -11.80 24.10 -7.73
C SER C 30 -11.58 22.63 -8.05
N SER C 31 -12.48 22.08 -8.85
CA SER C 31 -12.26 20.75 -9.39
C SER C 31 -12.73 20.75 -10.85
N PHE C 32 -13.17 21.91 -11.31
CA PHE C 32 -13.85 22.07 -12.59
C PHE C 32 -13.03 22.98 -13.49
N GLY C 33 -12.97 22.58 -14.77
CA GLY C 33 -12.56 23.49 -15.81
C GLY C 33 -13.66 24.50 -16.07
N MET C 34 -13.25 25.73 -16.37
CA MET C 34 -14.20 26.81 -16.60
C MET C 34 -13.97 27.33 -18.02
N HIS C 35 -15.00 27.28 -18.86
CA HIS C 35 -14.94 27.95 -20.15
C HIS C 35 -15.70 29.27 -20.04
N TRP C 36 -15.67 30.05 -21.11
CA TRP C 36 -16.66 31.09 -21.34
C TRP C 36 -17.19 30.89 -22.74
N VAL C 37 -18.50 31.10 -22.92
CA VAL C 37 -19.10 31.00 -24.24
C VAL C 37 -20.04 32.18 -24.40
N ARG C 38 -20.03 32.82 -25.57
CA ARG C 38 -20.78 34.06 -25.76
C ARG C 38 -21.76 33.92 -26.93
N GLN C 39 -22.96 34.44 -26.71
CA GLN C 39 -24.03 34.40 -27.70
C GLN C 39 -24.19 35.74 -28.40
N ALA C 40 -23.88 35.78 -29.70
CA ALA C 40 -24.17 36.98 -30.47
C ALA C 40 -25.67 37.13 -30.63
N PRO C 41 -26.25 38.32 -30.34
CA PRO C 41 -27.69 38.42 -30.04
C PRO C 41 -28.63 37.75 -31.03
N GLU C 42 -28.66 38.18 -32.29
CA GLU C 42 -29.48 37.46 -33.26
C GLU C 42 -28.64 36.49 -34.07
N LYS C 43 -27.81 35.70 -33.40
CA LYS C 43 -26.88 34.83 -34.09
C LYS C 43 -26.66 33.58 -33.23
N GLY C 44 -25.65 32.80 -33.57
CA GLY C 44 -25.22 31.68 -32.75
C GLY C 44 -24.37 32.14 -31.59
N LEU C 45 -23.90 31.17 -30.82
CA LEU C 45 -23.11 31.42 -29.62
C LEU C 45 -21.67 30.94 -29.79
N GLU C 46 -20.74 31.72 -29.24
CA GLU C 46 -19.32 31.74 -29.58
C GLU C 46 -18.45 31.35 -28.38
N TRP C 47 -17.45 30.51 -28.65
CA TRP C 47 -16.51 30.06 -27.63
C TRP C 47 -15.52 31.17 -27.30
N VAL C 48 -15.13 31.23 -26.04
CA VAL C 48 -14.33 32.31 -25.47
C VAL C 48 -13.25 31.61 -24.63
N ALA C 49 -12.62 32.33 -23.70
CA ALA C 49 -11.54 31.79 -22.89
C ALA C 49 -11.91 30.48 -22.19
N TYR C 50 -10.87 29.77 -21.74
CA TYR C 50 -10.97 28.55 -20.96
C TYR C 50 -9.90 28.58 -19.87
N ILE C 51 -10.21 28.06 -18.69
CA ILE C 51 -9.24 27.96 -17.61
C ILE C 51 -9.45 26.63 -16.91
N SER C 52 -8.43 25.78 -16.89
CA SER C 52 -8.61 24.44 -16.39
C SER C 52 -8.55 24.43 -14.86
N SER C 53 -8.84 23.25 -14.29
CA SER C 53 -8.73 23.07 -12.85
C SER C 53 -7.28 23.20 -12.42
N GLY C 54 -7.04 24.04 -11.41
CA GLY C 54 -5.64 24.29 -11.08
C GLY C 54 -4.99 25.06 -12.19
N SER C 55 -5.23 26.38 -12.23
CA SER C 55 -5.04 27.17 -13.43
C SER C 55 -3.66 26.94 -14.02
N GLY C 56 -3.60 26.17 -15.09
CA GLY C 56 -2.32 25.80 -15.67
C GLY C 56 -2.42 25.67 -17.17
N THR C 57 -3.64 25.77 -17.67
CA THR C 57 -3.91 25.77 -19.09
C THR C 57 -4.97 26.83 -19.32
N ILE C 58 -4.59 27.92 -19.97
CA ILE C 58 -5.52 29.01 -20.20
C ILE C 58 -5.62 29.29 -21.68
N TYR C 59 -6.48 28.55 -22.38
CA TYR C 59 -6.62 28.72 -23.81
C TYR C 59 -7.50 29.93 -24.09
N TYR C 60 -7.50 30.37 -25.35
CA TYR C 60 -8.30 31.52 -25.76
C TYR C 60 -8.82 31.29 -27.17
N ALA C 61 -9.71 32.17 -27.59
CA ALA C 61 -10.25 32.14 -28.93
C ALA C 61 -9.22 32.74 -29.89
N ASP C 62 -9.61 32.88 -31.15
CA ASP C 62 -8.76 33.50 -32.16
C ASP C 62 -9.21 34.90 -32.50
N THR C 63 -10.23 35.39 -31.80
CA THR C 63 -10.80 36.70 -32.09
C THR C 63 -10.67 37.60 -30.88
N VAL C 64 -10.30 37.03 -29.74
CA VAL C 64 -10.21 37.82 -28.52
C VAL C 64 -8.89 37.52 -27.81
N LYS C 65 -7.96 36.89 -28.54
CA LYS C 65 -6.76 36.32 -27.93
C LYS C 65 -5.80 37.42 -27.53
N GLY C 66 -5.85 37.77 -26.25
CA GLY C 66 -4.94 38.75 -25.70
C GLY C 66 -5.62 40.05 -25.33
N ARG C 67 -6.85 39.98 -24.84
CA ARG C 67 -7.58 41.21 -24.57
C ARG C 67 -8.19 41.28 -23.18
N PHE C 68 -8.67 40.17 -22.62
CA PHE C 68 -9.51 40.25 -21.44
C PHE C 68 -9.13 39.36 -20.26
N THR C 69 -7.98 38.66 -20.32
CA THR C 69 -7.36 38.02 -19.16
C THR C 69 -8.32 37.27 -18.23
N ILE C 70 -8.82 36.12 -18.65
CA ILE C 70 -9.55 35.21 -17.77
C ILE C 70 -8.69 34.87 -16.57
N SER C 71 -9.27 34.97 -15.38
CA SER C 71 -8.56 34.65 -14.13
C SER C 71 -9.38 33.71 -13.27
N ARG C 72 -8.98 33.55 -12.01
CA ARG C 72 -9.67 32.62 -11.12
C ARG C 72 -9.49 33.11 -9.69
N ASP C 73 -10.41 32.69 -8.83
CA ASP C 73 -10.27 32.89 -7.40
C ASP C 73 -10.95 31.77 -6.65
N ASP C 74 -10.21 30.70 -6.38
CA ASP C 74 -10.74 29.50 -5.73
C ASP C 74 -11.31 29.79 -4.35
N PRO C 75 -10.68 30.63 -3.50
CA PRO C 75 -11.33 30.98 -2.23
C PRO C 75 -12.69 31.63 -2.41
N LYS C 76 -12.72 32.77 -3.10
CA LYS C 76 -13.95 33.55 -3.22
C LYS C 76 -14.95 32.93 -4.16
N ASN C 77 -14.57 31.87 -4.88
CA ASN C 77 -15.44 31.20 -5.86
C ASN C 77 -15.99 32.20 -6.88
N THR C 78 -15.06 32.75 -7.68
CA THR C 78 -15.39 33.73 -8.69
C THR C 78 -14.46 33.57 -9.89
N LEU C 79 -14.99 33.82 -11.08
CA LEU C 79 -14.16 34.00 -12.27
C LEU C 79 -14.05 35.47 -12.65
N PHE C 80 -13.14 36.20 -12.01
CA PHE C 80 -12.93 37.59 -12.37
C PHE C 80 -12.45 37.72 -13.81
N LEU C 81 -13.04 38.66 -14.55
CA LEU C 81 -12.60 39.02 -15.90
C LEU C 81 -12.47 40.52 -16.03
N GLN C 82 -11.39 40.96 -16.65
CA GLN C 82 -11.21 42.33 -17.12
C GLN C 82 -11.54 42.36 -18.60
N MET C 83 -11.81 43.55 -19.14
CA MET C 83 -11.88 43.74 -20.58
C MET C 83 -11.96 45.22 -20.87
N THR C 84 -11.19 45.66 -21.87
CA THR C 84 -11.11 47.07 -22.21
C THR C 84 -11.33 47.37 -23.68
N SER C 85 -10.98 46.47 -24.61
CA SER C 85 -11.00 46.81 -26.03
C SER C 85 -12.42 46.88 -26.57
N LEU C 86 -13.15 45.74 -26.55
CA LEU C 86 -14.54 45.72 -26.97
C LEU C 86 -14.72 46.24 -28.40
N ARG C 87 -14.25 45.48 -29.38
CA ARG C 87 -14.17 45.95 -30.76
C ARG C 87 -15.55 45.95 -31.41
N SER C 88 -16.50 46.57 -30.72
CA SER C 88 -17.76 47.03 -31.29
C SER C 88 -18.65 45.89 -31.80
N GLU C 89 -18.13 44.67 -31.82
CA GLU C 89 -18.88 43.50 -32.27
C GLU C 89 -18.59 42.30 -31.39
N ASP C 90 -17.76 42.49 -30.37
CA ASP C 90 -17.52 41.46 -29.38
C ASP C 90 -18.55 41.49 -28.26
N THR C 91 -19.41 42.52 -28.22
CA THR C 91 -20.44 42.63 -27.21
C THR C 91 -21.58 41.66 -27.50
N ALA C 92 -21.89 40.79 -26.53
CA ALA C 92 -22.85 39.72 -26.75
C ALA C 92 -23.32 39.18 -25.41
N MET C 93 -23.97 38.03 -25.46
CA MET C 93 -24.48 37.37 -24.27
C MET C 93 -23.48 36.32 -23.80
N TYR C 94 -22.91 36.53 -22.62
CA TYR C 94 -21.81 35.71 -22.13
C TYR C 94 -22.35 34.56 -21.28
N TYR C 95 -21.75 33.39 -21.42
CA TYR C 95 -22.20 32.22 -20.66
C TYR C 95 -21.01 31.65 -19.91
N CYS C 96 -21.28 31.09 -18.73
CA CYS C 96 -20.22 30.54 -17.89
C CYS C 96 -20.47 29.05 -17.73
N VAL C 97 -19.81 28.25 -18.56
CA VAL C 97 -19.93 26.80 -18.51
C VAL C 97 -18.76 26.21 -17.75
N ARG C 98 -19.07 25.31 -16.83
CA ARG C 98 -18.07 24.51 -16.14
C ARG C 98 -17.97 23.14 -16.77
N SER C 99 -16.80 22.53 -16.66
CA SER C 99 -16.62 21.19 -17.23
C SER C 99 -15.53 20.49 -16.42
N ILE C 100 -15.76 19.23 -16.10
CA ILE C 100 -14.77 18.44 -15.41
C ILE C 100 -14.29 17.42 -16.40
N TYR C 101 -12.99 17.13 -16.38
CA TYR C 101 -12.38 16.30 -17.40
C TYR C 101 -11.72 15.12 -16.70
N TYR C 102 -12.29 13.95 -16.88
CA TYR C 102 -11.72 12.70 -16.44
C TYR C 102 -12.50 11.60 -17.13
N TYR C 103 -11.95 10.39 -17.12
CA TYR C 103 -12.56 9.32 -17.89
C TYR C 103 -14.02 9.12 -17.50
N GLY C 104 -14.90 9.13 -18.49
CA GLY C 104 -16.32 8.99 -18.26
C GLY C 104 -17.02 10.26 -17.86
N SER C 105 -16.29 11.33 -17.59
CA SER C 105 -16.95 12.54 -17.14
C SER C 105 -17.76 13.16 -18.27
N SER C 106 -18.70 14.02 -17.89
CA SER C 106 -19.56 14.71 -18.85
C SER C 106 -19.19 16.18 -18.81
N PRO C 107 -18.44 16.67 -19.78
CA PRO C 107 -18.09 18.10 -19.79
C PRO C 107 -19.21 18.95 -20.37
N PHE C 108 -19.17 20.24 -20.02
CA PHE C 108 -20.12 21.24 -20.50
C PHE C 108 -21.54 20.91 -20.05
N ASP C 109 -21.74 20.81 -18.74
CA ASP C 109 -22.99 20.31 -18.19
C ASP C 109 -23.96 21.40 -17.78
N PHE C 110 -23.48 22.47 -17.16
CA PHE C 110 -24.41 23.39 -16.52
C PHE C 110 -23.89 24.79 -16.84
N TRP C 111 -24.73 25.67 -17.38
CA TRP C 111 -24.17 26.91 -17.85
C TRP C 111 -24.75 28.00 -16.97
N GLY C 112 -24.10 29.16 -16.92
CA GLY C 112 -24.62 30.26 -16.14
C GLY C 112 -25.65 31.11 -16.87
N GLN C 113 -25.72 32.41 -16.55
CA GLN C 113 -26.56 33.34 -17.30
C GLN C 113 -25.67 34.33 -18.01
N GLY C 114 -24.87 35.12 -17.30
CA GLY C 114 -23.87 35.95 -17.94
C GLY C 114 -24.35 37.14 -18.76
N THR C 115 -24.78 38.23 -18.12
CA THR C 115 -25.55 39.30 -18.75
C THR C 115 -24.98 39.85 -20.06
N THR C 116 -25.80 40.60 -20.77
CA THR C 116 -25.67 40.86 -22.21
C THR C 116 -25.08 42.23 -22.56
N LEU C 117 -24.05 42.67 -21.84
CA LEU C 117 -23.42 43.97 -22.09
C LEU C 117 -23.25 44.27 -23.58
N THR C 118 -23.48 45.52 -23.96
CA THR C 118 -23.45 45.95 -25.35
C THR C 118 -22.61 47.21 -25.44
N VAL C 119 -22.02 47.44 -26.61
CA VAL C 119 -21.23 48.65 -26.86
C VAL C 119 -22.17 49.73 -27.39
N SER C 120 -21.94 50.97 -26.94
CA SER C 120 -22.73 52.09 -27.43
C SER C 120 -22.03 52.75 -28.61
N SER C 121 -22.40 52.37 -29.83
CA SER C 121 -21.80 52.94 -31.03
C SER C 121 -22.83 53.07 -32.13
N SER C 135 -6.35 31.18 -40.07
CA SER C 135 -7.31 30.53 -39.19
C SER C 135 -7.62 29.11 -39.65
N SER C 136 -7.11 28.12 -38.92
CA SER C 136 -7.24 26.72 -39.31
C SER C 136 -8.12 25.97 -38.32
N ASP C 137 -9.20 26.61 -37.89
CA ASP C 137 -10.11 26.04 -36.91
C ASP C 137 -10.98 24.98 -37.56
N ILE C 138 -12.06 24.59 -36.88
CA ILE C 138 -13.03 23.65 -37.39
C ILE C 138 -14.32 24.43 -37.60
N VAL C 139 -15.20 23.91 -38.43
CA VAL C 139 -16.49 24.54 -38.62
C VAL C 139 -17.57 23.51 -38.36
N MET C 140 -18.57 23.92 -37.59
CA MET C 140 -19.71 23.08 -37.25
C MET C 140 -20.91 23.64 -38.00
N THR C 141 -21.09 23.19 -39.24
CA THR C 141 -22.24 23.61 -40.03
C THR C 141 -23.39 22.65 -39.82
N GLN C 142 -24.59 23.19 -39.72
CA GLN C 142 -25.80 22.44 -39.44
C GLN C 142 -26.74 22.50 -40.63
N ALA C 143 -27.85 21.76 -40.51
CA ALA C 143 -28.87 21.72 -41.54
C ALA C 143 -29.77 22.93 -41.44
N THR C 144 -30.91 22.91 -42.14
CA THR C 144 -31.82 24.04 -42.12
C THR C 144 -32.16 24.42 -40.68
N SER C 145 -32.07 25.72 -40.40
CA SER C 145 -32.09 26.22 -39.04
C SER C 145 -33.47 26.22 -38.40
N SER C 146 -34.53 25.84 -39.13
CA SER C 146 -35.87 25.87 -38.56
C SER C 146 -36.46 24.48 -38.36
N VAL C 147 -36.68 23.70 -39.42
CA VAL C 147 -37.31 22.38 -39.34
C VAL C 147 -38.54 22.41 -38.45
N PRO C 148 -39.68 22.93 -38.92
CA PRO C 148 -40.88 22.94 -38.09
C PRO C 148 -41.55 21.57 -38.03
N VAL C 149 -41.81 21.12 -36.80
CA VAL C 149 -42.40 19.80 -36.55
C VAL C 149 -43.33 19.89 -35.34
N THR C 150 -44.46 19.20 -35.40
CA THR C 150 -45.46 19.14 -34.35
C THR C 150 -45.16 18.02 -33.36
N PRO C 151 -45.66 18.11 -32.12
CA PRO C 151 -45.34 17.08 -31.12
C PRO C 151 -45.75 15.68 -31.56
N GLY C 152 -44.96 14.70 -31.15
CA GLY C 152 -45.18 13.30 -31.45
C GLY C 152 -44.30 12.77 -32.57
N GLU C 153 -43.79 13.66 -33.42
CA GLU C 153 -42.95 13.24 -34.53
C GLU C 153 -41.49 13.18 -34.12
N SER C 154 -40.75 12.30 -34.80
CA SER C 154 -39.34 12.05 -34.50
C SER C 154 -38.49 12.92 -35.41
N VAL C 155 -37.94 14.00 -34.85
CA VAL C 155 -37.03 14.86 -35.60
C VAL C 155 -35.66 14.21 -35.62
N SER C 156 -34.84 14.56 -36.60
CA SER C 156 -33.49 14.03 -36.68
C SER C 156 -32.51 15.09 -37.14
N ILE C 157 -32.56 16.28 -36.54
CA ILE C 157 -31.66 17.37 -36.91
C ILE C 157 -30.21 16.93 -36.73
N SER C 158 -29.35 17.34 -37.66
CA SER C 158 -27.96 16.89 -37.73
C SER C 158 -27.04 18.09 -37.76
N CYS C 159 -25.75 17.82 -37.97
CA CYS C 159 -24.72 18.84 -38.06
C CYS C 159 -23.53 18.25 -38.82
N ARG C 160 -22.65 19.13 -39.28
CA ARG C 160 -21.50 18.74 -40.09
C ARG C 160 -20.19 19.25 -39.48
N SER C 161 -19.19 18.38 -39.43
CA SER C 161 -17.86 18.73 -38.95
C SER C 161 -16.87 18.65 -40.10
N SER C 162 -16.12 19.73 -40.31
CA SER C 162 -15.09 19.76 -41.34
C SER C 162 -13.98 18.78 -41.05
N LYS C 163 -13.52 18.75 -39.80
CA LYS C 163 -12.49 17.80 -39.39
C LYS C 163 -13.11 16.66 -38.60
N SER C 164 -12.71 15.43 -38.97
CA SER C 164 -13.28 14.23 -38.39
C SER C 164 -13.12 14.22 -36.87
N LEU C 165 -14.24 14.23 -36.16
CA LEU C 165 -14.25 14.21 -34.70
C LEU C 165 -14.23 12.77 -34.24
N LEU C 166 -13.09 12.12 -34.38
CA LEU C 166 -12.97 10.75 -33.89
C LEU C 166 -11.49 10.52 -33.63
N HIS C 167 -11.09 10.70 -32.38
CA HIS C 167 -9.69 10.51 -32.03
C HIS C 167 -9.41 9.01 -31.93
N SER C 168 -8.14 8.64 -31.97
CA SER C 168 -7.76 7.24 -31.92
C SER C 168 -8.12 6.59 -30.58
N ASN C 169 -8.59 7.37 -29.61
CA ASN C 169 -9.11 6.80 -28.37
C ASN C 169 -10.21 5.80 -28.71
N GLY C 170 -11.18 6.25 -29.51
CA GLY C 170 -12.32 5.44 -29.87
C GLY C 170 -13.62 6.21 -29.67
N ASN C 171 -13.53 7.51 -29.42
CA ASN C 171 -14.70 8.30 -29.09
C ASN C 171 -14.77 9.53 -29.98
N THR C 172 -15.99 10.01 -30.21
CA THR C 172 -16.25 11.24 -30.95
C THR C 172 -16.53 12.41 -30.03
N TYR C 173 -15.80 13.49 -30.22
CA TYR C 173 -15.87 14.61 -29.30
C TYR C 173 -16.85 15.64 -29.85
N LEU C 174 -18.11 15.24 -29.91
CA LEU C 174 -19.20 16.07 -30.39
C LEU C 174 -20.27 16.17 -29.32
N TYR C 175 -20.67 17.38 -28.99
CA TYR C 175 -21.72 17.59 -28.01
C TYR C 175 -23.03 17.95 -28.71
N TRP C 176 -24.05 18.25 -27.91
CA TRP C 176 -25.36 18.62 -28.41
C TRP C 176 -26.06 19.42 -27.33
N PHE C 177 -26.47 20.63 -27.66
CA PHE C 177 -27.06 21.51 -26.67
C PHE C 177 -28.44 21.95 -27.14
N LEU C 178 -29.29 22.31 -26.19
CA LEU C 178 -30.58 22.94 -26.45
C LEU C 178 -30.66 24.26 -25.71
N GLN C 179 -31.39 25.20 -26.29
CA GLN C 179 -31.62 26.49 -25.64
C GLN C 179 -33.11 26.82 -25.76
N ARG C 180 -33.58 27.77 -24.95
CA ARG C 180 -34.99 28.11 -24.92
C ARG C 180 -35.19 29.61 -25.04
N PRO C 181 -36.39 30.06 -25.40
CA PRO C 181 -36.64 31.51 -25.53
C PRO C 181 -36.59 32.19 -24.17
N GLY C 182 -35.37 32.55 -23.73
CA GLY C 182 -35.16 32.92 -22.35
C GLY C 182 -33.93 32.25 -21.78
N GLN C 183 -34.15 31.33 -20.85
CA GLN C 183 -33.09 30.75 -20.02
C GLN C 183 -31.99 30.14 -20.89
N SER C 184 -30.83 29.93 -20.26
CA SER C 184 -29.56 29.51 -20.85
C SER C 184 -29.65 28.14 -21.50
N PRO C 185 -28.62 27.66 -22.17
CA PRO C 185 -28.65 26.30 -22.72
C PRO C 185 -28.31 25.23 -21.71
N GLN C 186 -28.30 23.99 -22.19
CA GLN C 186 -27.96 22.83 -21.41
C GLN C 186 -27.32 21.81 -22.32
N LEU C 187 -26.69 20.81 -21.72
CA LEU C 187 -26.13 19.68 -22.46
C LEU C 187 -27.20 18.63 -22.64
N LEU C 188 -27.30 18.10 -23.84
CA LEU C 188 -28.22 16.99 -24.04
C LEU C 188 -27.43 15.69 -24.10
N ILE C 189 -26.54 15.57 -25.08
CA ILE C 189 -25.76 14.35 -25.24
C ILE C 189 -24.33 14.73 -25.56
N TYR C 190 -23.43 14.46 -24.62
CA TYR C 190 -22.01 14.75 -24.76
C TYR C 190 -21.29 13.56 -25.41
N ARG C 191 -20.28 13.89 -26.22
CA ARG C 191 -19.52 12.90 -26.97
C ARG C 191 -20.45 12.00 -27.77
N MET C 192 -21.44 12.64 -28.41
CA MET C 192 -22.40 12.18 -29.44
C MET C 192 -23.19 10.94 -29.09
N SER C 193 -23.12 10.43 -27.86
CA SER C 193 -23.96 9.30 -27.55
C SER C 193 -24.57 9.47 -26.19
N ASN C 194 -23.73 9.82 -25.24
CA ASN C 194 -24.06 9.65 -23.84
C ASN C 194 -25.00 10.76 -23.41
N LEU C 195 -26.15 10.39 -22.86
CA LEU C 195 -27.11 11.39 -22.47
C LEU C 195 -26.64 12.10 -21.20
N ALA C 196 -27.07 13.34 -21.04
CA ALA C 196 -26.70 14.14 -19.89
C ALA C 196 -27.53 13.66 -18.69
N SER C 197 -27.51 14.42 -17.59
CA SER C 197 -28.14 13.96 -16.37
C SER C 197 -29.65 14.08 -16.44
N GLY C 198 -30.17 15.30 -16.42
CA GLY C 198 -31.60 15.49 -16.41
C GLY C 198 -32.21 15.64 -17.79
N VAL C 199 -31.86 14.72 -18.69
CA VAL C 199 -32.40 14.79 -20.05
C VAL C 199 -33.23 13.53 -20.30
N PRO C 200 -34.44 13.67 -20.83
CA PRO C 200 -35.29 12.50 -21.06
C PRO C 200 -34.69 11.56 -22.09
N ASP C 201 -34.95 10.27 -21.91
CA ASP C 201 -34.40 9.23 -22.76
C ASP C 201 -34.91 9.33 -24.20
N ARG C 202 -35.74 10.34 -24.48
CA ARG C 202 -36.23 10.54 -25.85
C ARG C 202 -35.14 11.12 -26.75
N PHE C 203 -34.21 11.91 -26.21
CA PHE C 203 -33.07 12.38 -26.97
C PHE C 203 -32.07 11.24 -27.12
N SER C 204 -31.47 11.12 -28.31
CA SER C 204 -30.50 10.07 -28.58
C SER C 204 -29.48 10.59 -29.59
N GLY C 205 -28.52 9.73 -29.96
CA GLY C 205 -27.46 10.11 -30.87
C GLY C 205 -26.71 8.96 -31.51
N SER C 206 -26.32 9.13 -32.78
CA SER C 206 -25.58 8.12 -33.52
C SER C 206 -24.74 8.84 -34.55
N GLY C 207 -23.66 8.20 -35.05
CA GLY C 207 -22.72 8.88 -35.90
C GLY C 207 -21.73 7.98 -36.61
N SER C 208 -21.06 8.59 -37.60
CA SER C 208 -20.05 7.95 -38.42
C SER C 208 -18.69 8.62 -38.34
N GLY C 209 -18.63 9.89 -37.94
CA GLY C 209 -17.35 10.57 -37.78
C GLY C 209 -17.30 12.03 -38.19
N THR C 210 -18.08 12.45 -39.19
CA THR C 210 -18.04 13.83 -39.63
C THR C 210 -19.41 14.50 -39.74
N ALA C 211 -20.47 13.75 -39.97
CA ALA C 211 -21.81 14.31 -40.07
C ALA C 211 -22.80 13.31 -39.53
N PHE C 212 -23.63 13.75 -38.58
CA PHE C 212 -24.56 12.87 -37.88
C PHE C 212 -25.40 13.67 -36.89
N THR C 213 -26.35 12.98 -36.26
CA THR C 213 -27.58 13.61 -35.80
C THR C 213 -27.99 13.11 -34.41
N LEU C 214 -28.93 13.84 -33.81
CA LEU C 214 -29.61 13.41 -32.59
C LEU C 214 -31.09 13.24 -32.91
N THR C 215 -31.71 12.24 -32.29
CA THR C 215 -33.11 11.90 -32.58
C THR C 215 -33.97 12.15 -31.34
N ILE C 216 -34.97 13.01 -31.48
CA ILE C 216 -35.95 13.22 -30.41
C ILE C 216 -37.22 12.49 -30.83
N SER C 217 -38.12 12.24 -29.87
CA SER C 217 -39.36 11.55 -30.21
C SER C 217 -40.61 12.36 -29.88
N ARG C 218 -40.77 12.75 -28.62
CA ARG C 218 -42.01 13.35 -28.15
C ARG C 218 -41.80 14.83 -27.85
N LEU C 219 -41.81 15.65 -28.89
CA LEU C 219 -41.40 17.04 -28.82
C LEU C 219 -42.46 17.85 -28.09
N GLU C 220 -42.34 17.95 -26.78
CA GLU C 220 -43.32 18.71 -26.02
C GLU C 220 -42.98 20.20 -26.01
N ALA C 221 -43.73 20.97 -25.22
CA ALA C 221 -43.66 22.43 -25.24
C ALA C 221 -42.33 22.98 -24.73
N GLU C 222 -41.53 22.19 -24.02
CA GLU C 222 -40.25 22.66 -23.54
C GLU C 222 -39.06 22.10 -24.32
N ASP C 223 -39.29 21.14 -25.22
CA ASP C 223 -38.25 20.66 -26.11
C ASP C 223 -38.11 21.52 -27.36
N VAL C 224 -38.66 22.74 -27.32
CA VAL C 224 -38.60 23.66 -28.44
C VAL C 224 -37.47 24.66 -28.19
N GLY C 225 -36.68 24.90 -29.23
CA GLY C 225 -35.59 25.84 -29.11
C GLY C 225 -34.54 25.63 -30.17
N VAL C 226 -33.35 26.16 -29.94
CA VAL C 226 -32.26 26.13 -30.91
C VAL C 226 -31.31 25.02 -30.49
N TYR C 227 -30.99 24.12 -31.43
CA TYR C 227 -30.15 22.96 -31.14
C TYR C 227 -28.73 23.22 -31.62
N TYR C 228 -27.95 23.87 -30.75
CA TYR C 228 -26.57 24.16 -31.05
C TYR C 228 -25.74 22.88 -30.97
N CYS C 229 -24.44 23.00 -31.22
CA CYS C 229 -23.58 21.84 -31.28
C CYS C 229 -22.13 22.25 -31.12
N MET C 230 -21.33 21.37 -30.51
CA MET C 230 -19.93 21.64 -30.17
C MET C 230 -19.05 20.49 -30.60
N GLN C 231 -17.83 20.79 -31.00
CA GLN C 231 -16.78 19.79 -31.11
C GLN C 231 -15.79 19.99 -29.96
N HIS C 232 -15.06 18.93 -29.61
CA HIS C 232 -14.06 19.13 -28.57
C HIS C 232 -12.76 18.39 -28.86
N LEU C 233 -12.23 18.50 -30.08
CA LEU C 233 -10.91 17.95 -30.39
C LEU C 233 -9.78 18.95 -30.24
N GLU C 234 -9.95 20.17 -30.74
CA GLU C 234 -8.93 21.20 -30.60
C GLU C 234 -9.56 22.38 -29.87
N TYR C 235 -8.81 23.44 -29.65
CA TYR C 235 -9.47 24.55 -28.96
C TYR C 235 -9.72 25.79 -29.80
N PRO C 236 -10.54 25.68 -30.84
CA PRO C 236 -11.46 26.76 -31.15
C PRO C 236 -12.82 26.57 -30.48
N LEU C 237 -13.10 25.34 -30.01
CA LEU C 237 -14.39 24.94 -29.44
C LEU C 237 -15.56 25.58 -30.17
N THR C 238 -15.71 25.25 -31.44
CA THR C 238 -16.63 25.95 -32.33
C THR C 238 -18.06 25.51 -32.10
N PHE C 239 -18.99 26.22 -32.71
CA PHE C 239 -20.42 25.98 -32.61
C PHE C 239 -21.06 26.07 -33.98
N GLY C 240 -22.37 26.21 -34.02
CA GLY C 240 -23.06 26.42 -35.27
C GLY C 240 -24.07 27.54 -35.12
N ALA C 241 -24.72 27.87 -36.23
CA ALA C 241 -25.78 28.85 -36.18
C ALA C 241 -26.96 28.35 -35.36
N GLY C 242 -27.16 27.04 -35.30
CA GLY C 242 -28.21 26.48 -34.47
C GLY C 242 -29.52 26.31 -35.19
N THR C 243 -30.15 25.15 -35.05
CA THR C 243 -31.44 24.92 -35.68
C THR C 243 -32.56 25.11 -34.68
N LYS C 244 -33.47 26.04 -34.98
CA LYS C 244 -34.56 26.40 -34.07
C LYS C 244 -35.82 25.67 -34.50
N LEU C 245 -36.13 24.59 -33.79
CA LEU C 245 -37.36 23.83 -34.06
C LEU C 245 -38.59 24.63 -33.64
N GLU C 246 -39.54 24.81 -34.56
CA GLU C 246 -40.78 25.51 -34.25
C GLU C 246 -41.94 24.54 -34.12
N LEU C 247 -43.00 25.01 -33.48
CA LEU C 247 -44.18 24.20 -33.25
C LEU C 247 -44.99 24.00 -34.53
N CYS D 3 -0.52 16.17 -27.97
CA CYS D 3 0.16 15.53 -29.08
C CYS D 3 -0.70 14.45 -29.72
N THR D 4 -0.48 13.21 -29.28
CA THR D 4 -1.23 12.06 -29.76
C THR D 4 -2.44 11.80 -28.89
N LEU D 5 -2.72 12.69 -27.93
CA LEU D 5 -3.90 12.59 -27.09
C LEU D 5 -4.73 13.88 -27.22
N SER D 6 -6.04 13.73 -27.10
CA SER D 6 -6.97 14.81 -27.38
C SER D 6 -6.91 15.88 -26.29
N ALA D 7 -7.85 16.82 -26.37
CA ALA D 7 -7.91 17.89 -25.38
C ALA D 7 -8.52 17.38 -24.08
N GLU D 8 -9.46 16.44 -24.19
CA GLU D 8 -10.01 15.78 -23.01
C GLU D 8 -8.95 15.07 -22.22
N ASP D 9 -8.10 14.30 -22.90
CA ASP D 9 -6.99 13.63 -22.22
C ASP D 9 -6.06 14.64 -21.59
N LYS D 10 -5.82 15.75 -22.28
CA LYS D 10 -4.99 16.80 -21.69
C LYS D 10 -5.55 17.19 -20.33
N ALA D 11 -6.79 17.68 -20.29
CA ALA D 11 -7.31 18.19 -19.02
C ALA D 11 -7.49 17.08 -17.99
N ALA D 12 -7.64 15.83 -18.43
CA ALA D 12 -7.58 14.70 -17.52
C ALA D 12 -6.21 14.59 -16.87
N VAL D 13 -5.14 14.78 -17.64
CA VAL D 13 -3.80 14.70 -17.08
C VAL D 13 -3.53 15.88 -16.16
N GLU D 14 -4.04 17.06 -16.49
CA GLU D 14 -4.01 18.14 -15.51
C GLU D 14 -4.74 17.77 -14.22
N ARG D 15 -5.85 17.05 -14.32
CA ARG D 15 -6.54 16.61 -13.11
C ARG D 15 -5.68 15.63 -12.29
N SER D 16 -5.10 14.64 -12.95
CA SER D 16 -4.28 13.67 -12.26
C SER D 16 -3.07 14.33 -11.60
N LYS D 17 -2.48 15.31 -12.27
CA LYS D 17 -1.38 16.03 -11.65
C LYS D 17 -1.85 16.87 -10.47
N MET D 18 -2.98 17.56 -10.60
CA MET D 18 -3.48 18.29 -9.43
C MET D 18 -3.73 17.35 -8.27
N ILE D 19 -4.06 16.10 -8.56
CA ILE D 19 -4.24 15.12 -7.51
C ILE D 19 -2.89 14.76 -6.89
N GLU D 20 -1.87 14.56 -7.72
CA GLU D 20 -0.50 14.35 -7.21
C GLU D 20 -0.06 15.45 -6.27
N LYS D 21 -0.41 16.70 -6.55
CA LYS D 21 -0.03 17.77 -5.63
C LYS D 21 -0.59 17.53 -4.22
N GLN D 22 -1.86 17.13 -4.14
CA GLN D 22 -2.45 16.85 -2.83
C GLN D 22 -1.86 15.58 -2.22
N LEU D 23 -1.58 14.58 -3.03
CA LEU D 23 -0.96 13.37 -2.50
C LEU D 23 0.42 13.67 -1.93
N GLN D 24 1.14 14.61 -2.53
CA GLN D 24 2.43 14.99 -1.98
C GLN D 24 2.28 15.79 -0.70
N LYS D 25 1.32 16.72 -0.64
CA LYS D 25 1.15 17.40 0.63
C LYS D 25 0.82 16.40 1.74
N ASP D 26 0.00 15.41 1.42
CA ASP D 26 -0.37 14.43 2.42
C ASP D 26 0.79 13.52 2.77
N LYS D 27 1.66 13.21 1.81
CA LYS D 27 2.85 12.42 2.11
C LYS D 27 3.80 13.18 3.02
N GLN D 28 3.84 14.51 2.88
CA GLN D 28 4.59 15.31 3.85
C GLN D 28 3.95 15.29 5.22
N VAL D 29 2.62 15.22 5.29
CA VAL D 29 1.97 15.04 6.59
C VAL D 29 2.21 13.65 7.13
N TYR D 30 2.20 12.65 6.26
CA TYR D 30 2.14 11.26 6.71
C TYR D 30 3.47 10.76 7.24
N ARG D 31 4.59 11.31 6.78
CA ARG D 31 5.88 10.79 7.23
C ARG D 31 6.43 11.51 8.43
N ARG D 32 5.93 12.69 8.75
CA ARG D 32 6.36 13.39 9.94
C ARG D 32 5.57 13.00 11.17
N THR D 33 4.77 11.93 11.07
CA THR D 33 3.94 11.46 12.16
C THR D 33 4.31 10.02 12.48
N LEU D 34 4.45 9.73 13.77
CA LEU D 34 4.87 8.43 14.23
C LEU D 34 3.66 7.66 14.77
N ARG D 35 3.46 6.46 14.27
CA ARG D 35 2.24 5.71 14.52
C ARG D 35 2.54 4.57 15.49
N LEU D 36 1.87 4.60 16.64
CA LEU D 36 2.15 3.69 17.74
C LEU D 36 0.96 2.76 17.93
N LEU D 37 1.20 1.46 17.89
CA LEU D 37 0.15 0.50 18.25
C LEU D 37 0.27 0.19 19.73
N LEU D 38 -0.79 0.47 20.47
CA LEU D 38 -0.81 0.26 21.92
C LEU D 38 -1.51 -1.05 22.23
N LEU D 39 -0.80 -1.98 22.83
CA LEU D 39 -1.33 -3.28 23.19
C LEU D 39 -1.39 -3.42 24.71
N GLY D 40 -2.05 -4.45 25.17
CA GLY D 40 -2.26 -4.62 26.59
C GLY D 40 -3.46 -5.49 26.86
N ALA D 41 -3.62 -5.82 28.14
CA ALA D 41 -4.70 -6.68 28.58
C ALA D 41 -5.70 -5.86 29.40
N ASP D 42 -6.67 -6.56 30.00
CA ASP D 42 -7.69 -5.88 30.80
C ASP D 42 -7.12 -5.37 32.11
N ASN D 43 -6.23 -6.14 32.74
CA ASN D 43 -5.64 -5.72 34.01
C ASN D 43 -4.60 -4.63 33.84
N SER D 44 -3.96 -4.55 32.67
CA SER D 44 -2.97 -3.53 32.43
C SER D 44 -3.62 -2.15 32.44
N GLY D 45 -2.86 -1.16 32.88
CA GLY D 45 -3.41 0.18 32.97
C GLY D 45 -3.38 0.90 31.65
N LYS D 46 -3.71 0.17 30.59
CA LYS D 46 -3.64 0.69 29.23
C LYS D 46 -4.43 1.98 29.08
N SER D 47 -5.68 1.98 29.54
CA SER D 47 -6.51 3.17 29.47
C SER D 47 -5.93 4.32 30.29
N THR D 48 -5.31 4.02 31.44
CA THR D 48 -4.70 5.09 32.21
C THR D 48 -3.50 5.69 31.49
N ILE D 49 -2.73 4.87 30.77
CA ILE D 49 -1.65 5.42 29.96
C ILE D 49 -2.19 6.31 28.86
N VAL D 50 -3.28 5.88 28.22
CA VAL D 50 -3.92 6.75 27.23
C VAL D 50 -4.36 8.06 27.86
N LYS D 51 -4.88 7.99 29.08
CA LYS D 51 -5.22 9.23 29.80
C LYS D 51 -3.99 10.08 30.05
N GLN D 52 -2.85 9.44 30.30
CA GLN D 52 -1.62 10.17 30.55
C GLN D 52 -1.19 10.96 29.32
N MET D 53 -1.25 10.34 28.15
CA MET D 53 -0.91 11.12 26.96
C MET D 53 -1.99 12.13 26.61
N ARG D 54 -3.26 11.85 26.87
CA ARG D 54 -4.28 12.88 26.60
C ARG D 54 -4.05 14.11 27.46
N ILE D 55 -3.70 13.92 28.75
CA ILE D 55 -3.37 15.09 29.55
C ILE D 55 -2.06 15.69 29.05
N TYR D 56 -1.21 14.87 28.42
CA TYR D 56 -0.01 15.40 27.78
C TYR D 56 -0.32 16.07 26.45
N HIS D 57 -1.33 15.60 25.73
CA HIS D 57 -1.67 16.12 24.41
C HIS D 57 -2.13 17.57 24.44
N VAL D 179 -20.17 5.74 17.12
CA VAL D 179 -19.15 5.84 18.15
C VAL D 179 -19.51 4.89 19.30
N LYS D 180 -20.47 4.00 19.03
CA LYS D 180 -20.84 3.00 20.03
C LYS D 180 -19.97 1.75 19.90
N THR D 181 -19.96 1.14 18.73
CA THR D 181 -19.22 -0.09 18.47
C THR D 181 -17.90 0.17 17.73
N SER D 182 -17.25 1.28 18.04
CA SER D 182 -16.04 1.71 17.33
C SER D 182 -14.99 0.61 17.38
N GLY D 183 -14.44 0.28 16.21
CA GLY D 183 -13.56 -0.86 16.11
C GLY D 183 -12.10 -0.57 16.35
N ILE D 184 -11.72 0.70 16.38
CA ILE D 184 -10.36 1.10 16.73
C ILE D 184 -10.42 2.51 17.26
N PHE D 185 -9.55 2.80 18.21
CA PHE D 185 -9.44 4.12 18.79
C PHE D 185 -8.12 4.74 18.37
N GLU D 186 -7.98 6.03 18.67
CA GLU D 186 -6.98 6.83 18.00
C GLU D 186 -6.81 8.12 18.78
N THR D 187 -5.64 8.29 19.38
CA THR D 187 -5.32 9.48 20.15
C THR D 187 -4.03 10.09 19.62
N LYS D 188 -3.97 11.41 19.66
CA LYS D 188 -2.86 12.16 19.13
C LYS D 188 -2.19 12.97 20.24
N PHE D 189 -0.86 12.91 20.28
CA PHE D 189 -0.10 13.70 21.24
C PHE D 189 1.23 14.04 20.60
N GLN D 190 1.82 15.13 21.06
CA GLN D 190 3.13 15.52 20.60
C GLN D 190 3.99 15.84 21.81
N VAL D 191 5.26 15.46 21.74
CA VAL D 191 6.18 15.57 22.86
C VAL D 191 7.09 16.78 22.72
N ASP D 192 7.91 16.81 21.66
CA ASP D 192 8.68 18.00 21.33
C ASP D 192 8.48 18.23 19.83
N LYS D 193 7.37 18.89 19.49
CA LYS D 193 7.05 19.23 18.11
C LYS D 193 7.12 18.01 17.19
N VAL D 194 6.83 16.83 17.73
CA VAL D 194 6.78 15.60 16.95
C VAL D 194 5.43 14.96 17.19
N ASN D 195 4.69 14.71 16.13
CA ASN D 195 3.32 14.23 16.27
C ASN D 195 3.31 12.73 16.40
N PHE D 196 2.77 12.26 17.52
CA PHE D 196 2.56 10.84 17.76
C PHE D 196 1.09 10.53 17.57
N HIS D 197 0.83 9.28 17.22
CA HIS D 197 -0.48 8.91 16.72
C HIS D 197 -0.69 7.49 17.22
N MET D 198 -1.38 7.36 18.34
CA MET D 198 -1.47 6.09 19.05
C MET D 198 -2.79 5.40 18.75
N PHE D 199 -2.72 4.14 18.40
CA PHE D 199 -3.88 3.38 17.95
C PHE D 199 -4.21 2.32 18.97
N ASP D 200 -5.01 2.69 19.95
CA ASP D 200 -5.63 1.74 20.84
C ASP D 200 -6.67 0.94 20.08
N VAL D 201 -6.82 -0.32 20.42
CA VAL D 201 -7.75 -1.20 19.73
C VAL D 201 -9.06 -1.26 20.48
N GLY D 202 -10.15 -1.06 19.77
CA GLY D 202 -11.46 -1.02 20.39
C GLY D 202 -12.24 -2.31 20.22
N ALA D 203 -13.46 -2.18 19.70
CA ALA D 203 -14.39 -3.30 19.66
C ALA D 203 -13.95 -4.29 18.60
N GLN D 204 -12.93 -5.06 18.94
CA GLN D 204 -12.54 -6.20 18.14
C GLN D 204 -12.75 -7.46 18.95
N ARG D 205 -12.63 -8.60 18.30
CA ARG D 205 -12.84 -9.87 18.97
C ARG D 205 -11.56 -10.31 19.68
N ASP D 206 -11.65 -11.49 20.30
CA ASP D 206 -10.54 -12.00 21.09
C ASP D 206 -9.38 -12.41 20.19
N GLU D 207 -9.68 -13.05 19.06
CA GLU D 207 -8.64 -13.45 18.14
C GLU D 207 -8.03 -12.23 17.48
N ARG D 208 -6.71 -12.24 17.33
CA ARG D 208 -6.07 -11.06 16.79
C ARG D 208 -4.96 -11.35 15.79
N ARG D 209 -4.95 -12.52 15.17
CA ARG D 209 -3.87 -12.82 14.25
C ARG D 209 -4.06 -12.18 12.88
N LYS D 210 -5.23 -11.61 12.60
CA LYS D 210 -5.48 -10.94 11.35
C LYS D 210 -5.40 -9.43 11.47
N TRP D 211 -6.16 -8.84 12.38
CA TRP D 211 -6.13 -7.40 12.47
C TRP D 211 -4.84 -6.86 13.04
N ILE D 212 -3.95 -7.72 13.55
CA ILE D 212 -2.65 -7.26 13.99
C ILE D 212 -1.74 -7.01 12.81
N GLN D 213 -2.02 -7.60 11.66
CA GLN D 213 -1.18 -7.41 10.49
C GLN D 213 -1.30 -6.01 9.92
N CYS D 214 -2.36 -5.28 10.29
CA CYS D 214 -2.52 -3.92 9.82
C CYS D 214 -1.47 -2.99 10.37
N PHE D 215 -0.71 -3.42 11.36
CA PHE D 215 0.24 -2.55 12.05
C PHE D 215 1.67 -3.01 11.84
N ASN D 216 2.02 -3.45 10.64
CA ASN D 216 3.39 -3.89 10.44
C ASN D 216 4.35 -2.73 10.29
N ASP D 217 3.87 -1.61 9.79
CA ASP D 217 4.71 -0.48 9.47
C ASP D 217 4.47 0.66 10.43
N VAL D 218 4.24 0.33 11.68
CA VAL D 218 4.15 1.33 12.73
C VAL D 218 5.53 1.52 13.32
N THR D 219 5.69 2.61 14.02
CA THR D 219 6.83 2.83 14.88
C THR D 219 6.42 2.39 16.29
N ALA D 220 7.15 1.45 16.87
CA ALA D 220 7.06 1.26 18.31
C ALA D 220 5.65 0.86 18.78
N ILE D 221 5.33 -0.41 18.60
CA ILE D 221 4.30 -1.03 19.44
C ILE D 221 4.57 -0.70 20.90
N ILE D 222 3.54 -0.25 21.62
CA ILE D 222 3.67 0.06 23.04
C ILE D 222 2.92 -0.99 23.84
N PHE D 223 3.66 -1.94 24.41
CA PHE D 223 3.07 -3.08 25.10
C PHE D 223 2.99 -2.74 26.57
N VAL D 224 1.81 -2.85 27.15
CA VAL D 224 1.60 -2.54 28.56
C VAL D 224 1.22 -3.82 29.27
N VAL D 225 1.89 -4.10 30.39
CA VAL D 225 1.62 -5.32 31.13
C VAL D 225 1.33 -4.96 32.58
N ASP D 226 0.61 -5.86 33.24
CA ASP D 226 0.38 -5.80 34.68
C ASP D 226 1.54 -6.51 35.35
N SER D 227 2.45 -5.73 35.93
CA SER D 227 3.59 -6.32 36.62
C SER D 227 3.16 -7.04 37.88
N SER D 228 2.29 -6.43 38.68
CA SER D 228 1.84 -7.02 39.94
C SER D 228 0.89 -8.17 39.64
N ASP D 229 1.40 -9.38 39.74
CA ASP D 229 0.62 -10.59 39.58
C ASP D 229 1.33 -11.81 40.16
N ARG D 232 -1.26 -14.86 35.24
CA ARG D 232 -1.66 -13.72 34.43
C ARG D 232 -0.47 -13.02 33.82
N LEU D 233 0.64 -13.00 34.57
CA LEU D 233 1.87 -12.43 34.05
C LEU D 233 2.50 -13.30 32.99
N GLN D 234 2.33 -14.62 33.09
CA GLN D 234 2.80 -15.49 32.02
C GLN D 234 1.93 -15.36 30.77
N GLU D 235 0.67 -14.96 30.93
CA GLU D 235 -0.14 -14.60 29.77
C GLU D 235 0.46 -13.40 29.05
N ALA D 236 0.88 -12.39 29.82
CA ALA D 236 1.54 -11.23 29.22
C ALA D 236 2.84 -11.64 28.56
N LEU D 237 3.58 -12.57 29.17
CA LEU D 237 4.82 -13.02 28.57
C LEU D 237 4.56 -13.72 27.24
N ASN D 238 3.49 -14.51 27.17
CA ASN D 238 3.15 -15.17 25.91
C ASN D 238 2.65 -14.16 24.88
N ASP D 239 1.92 -13.14 25.30
CA ASP D 239 1.52 -12.10 24.37
C ASP D 239 2.74 -11.42 23.78
N PHE D 240 3.69 -11.06 24.63
CA PHE D 240 4.91 -10.42 24.16
C PHE D 240 5.68 -11.34 23.24
N LYS D 241 5.80 -12.61 23.58
CA LYS D 241 6.53 -13.56 22.76
C LYS D 241 5.87 -13.74 21.40
N SER D 242 4.55 -13.62 21.35
CA SER D 242 3.86 -13.84 20.09
C SER D 242 3.87 -12.60 19.22
N ILE D 243 3.82 -11.41 19.83
CA ILE D 243 4.04 -10.18 19.08
C ILE D 243 5.47 -10.12 18.54
N TRP D 244 6.44 -10.49 19.38
CA TRP D 244 7.84 -10.35 19.03
C TRP D 244 8.21 -11.23 17.84
N ASN D 245 7.81 -12.50 17.89
CA ASN D 245 8.21 -13.47 16.89
C ASN D 245 7.29 -13.50 15.69
N ASN D 246 6.26 -12.67 15.66
CA ASN D 246 5.30 -12.71 14.57
C ASN D 246 5.91 -12.12 13.32
N ARG D 247 5.88 -12.90 12.24
CA ARG D 247 6.09 -12.32 10.92
C ARG D 247 5.14 -11.14 10.75
N TRP D 248 5.60 -10.12 10.04
CA TRP D 248 4.88 -8.85 9.85
C TRP D 248 4.86 -8.00 11.12
N LEU D 249 5.35 -8.52 12.22
CA LEU D 249 5.52 -7.71 13.41
C LEU D 249 6.96 -7.68 13.88
N ARG D 250 7.82 -8.49 13.30
CA ARG D 250 9.25 -8.28 13.44
C ARG D 250 9.58 -6.90 12.88
N THR D 251 10.81 -6.48 13.03
CA THR D 251 11.25 -5.16 12.59
C THR D 251 10.51 -4.03 13.26
N ILE D 252 9.58 -4.33 14.17
CA ILE D 252 8.92 -3.32 14.99
C ILE D 252 9.46 -3.45 16.40
N SER D 253 9.90 -2.34 16.96
CA SER D 253 10.50 -2.33 18.28
C SER D 253 9.43 -2.09 19.33
N VAL D 254 9.35 -2.96 20.29
CA VAL D 254 8.32 -2.89 21.32
C VAL D 254 8.78 -1.99 22.44
N ILE D 255 7.85 -1.31 23.08
CA ILE D 255 8.15 -0.45 24.21
C ILE D 255 7.38 -0.99 25.39
N LEU D 256 7.99 -1.86 26.19
CA LEU D 256 7.32 -2.38 27.38
C LEU D 256 7.05 -1.29 28.38
N PHE D 257 5.84 -1.28 28.90
CA PHE D 257 5.53 -0.50 30.08
C PHE D 257 5.22 -1.52 31.15
N LEU D 258 6.19 -1.83 32.00
CA LEU D 258 5.93 -2.73 33.11
C LEU D 258 5.12 -1.94 34.11
N ASN D 259 3.81 -2.03 34.02
CA ASN D 259 2.91 -1.10 34.69
C ASN D 259 2.61 -1.58 36.10
N LYS D 260 1.92 -0.73 36.85
CA LYS D 260 1.42 -1.09 38.18
C LYS D 260 2.58 -1.42 39.12
N GLN D 261 3.69 -0.68 38.97
CA GLN D 261 4.85 -0.91 39.82
C GLN D 261 4.54 -0.71 41.30
N ASP D 262 3.70 0.28 41.62
CA ASP D 262 3.34 0.47 43.01
C ASP D 262 2.67 -0.79 43.56
N LEU D 263 1.68 -1.30 42.85
CA LEU D 263 1.03 -2.53 43.28
C LEU D 263 2.02 -3.67 43.42
N LEU D 264 3.02 -3.74 42.56
CA LEU D 264 4.07 -4.73 42.71
C LEU D 264 4.82 -4.53 44.02
N ALA D 265 5.09 -3.28 44.38
CA ALA D 265 5.75 -3.00 45.65
C ALA D 265 4.95 -3.52 46.82
N GLU D 266 3.67 -3.14 46.92
CA GLU D 266 2.89 -3.68 48.03
C GLU D 266 2.71 -5.19 47.93
N LYS D 267 2.65 -5.76 46.73
CA LYS D 267 2.47 -7.19 46.61
C LYS D 267 3.69 -7.98 47.04
N VAL D 268 4.89 -7.39 46.95
CA VAL D 268 6.11 -8.11 47.32
C VAL D 268 6.52 -7.77 48.74
N LEU D 269 6.74 -6.48 49.03
CA LEU D 269 7.39 -6.11 50.28
C LEU D 269 6.54 -6.42 51.51
N ALA D 270 5.22 -6.38 51.39
CA ALA D 270 4.34 -6.56 52.53
C ALA D 270 3.23 -7.54 52.22
N GLY D 271 3.59 -8.69 51.63
CA GLY D 271 2.59 -9.60 51.14
C GLY D 271 2.98 -11.05 51.38
N LYS D 272 1.95 -11.90 51.37
CA LYS D 272 2.12 -13.34 51.41
C LYS D 272 2.30 -13.94 50.03
N SER D 273 1.71 -13.32 49.01
CA SER D 273 1.89 -13.77 47.64
C SER D 273 3.33 -13.56 47.21
N LYS D 274 3.91 -14.57 46.57
CA LYS D 274 5.31 -14.54 46.16
C LYS D 274 5.42 -14.88 44.67
N ILE D 275 6.55 -14.47 44.09
CA ILE D 275 6.83 -14.78 42.68
C ILE D 275 7.49 -16.15 42.57
N GLU D 276 7.88 -16.76 43.69
CA GLU D 276 8.55 -18.06 43.63
C GLU D 276 7.65 -19.11 43.01
N ASP D 277 6.37 -19.09 43.33
CA ASP D 277 5.37 -19.85 42.60
C ASP D 277 4.84 -19.03 41.43
N TYR D 278 4.41 -19.74 40.40
CA TYR D 278 4.20 -19.25 39.04
C TYR D 278 5.51 -18.96 38.32
N PHE D 279 6.63 -19.04 39.04
CA PHE D 279 7.94 -18.75 38.47
C PHE D 279 9.01 -19.37 39.35
N PRO D 280 9.25 -20.67 39.25
CA PRO D 280 10.19 -21.31 40.18
C PRO D 280 11.60 -20.77 40.10
N GLU D 281 12.05 -20.32 38.93
CA GLU D 281 13.42 -19.83 38.81
C GLU D 281 13.54 -18.39 39.28
N PHE D 282 12.98 -18.10 40.44
CA PHE D 282 13.11 -16.77 41.01
C PHE D 282 13.69 -16.89 42.42
N ALA D 283 13.52 -18.04 43.05
CA ALA D 283 14.22 -18.29 44.30
C ALA D 283 15.73 -18.23 44.08
N ARG D 284 16.19 -18.83 43.00
CA ARG D 284 17.58 -18.73 42.59
C ARG D 284 17.76 -17.64 41.52
N TYR D 285 17.48 -16.41 41.93
CA TYR D 285 17.63 -15.26 41.04
C TYR D 285 18.80 -14.36 41.44
N THR D 286 18.77 -13.81 42.66
CA THR D 286 19.89 -13.01 43.20
C THR D 286 20.22 -11.84 42.26
N THR D 287 19.40 -10.80 42.35
CA THR D 287 19.41 -9.61 41.50
C THR D 287 20.78 -9.25 40.94
N PRO D 288 20.87 -8.93 39.66
CA PRO D 288 22.13 -8.43 39.12
C PRO D 288 22.47 -7.08 39.71
N GLU D 289 23.66 -6.57 39.44
CA GLU D 289 24.10 -5.31 40.04
C GLU D 289 23.26 -4.16 39.49
N ASP D 290 22.28 -3.73 40.27
CA ASP D 290 21.41 -2.63 39.86
C ASP D 290 22.21 -1.35 39.68
N ALA D 291 21.85 -0.58 38.65
CA ALA D 291 22.58 0.65 38.37
C ALA D 291 22.29 1.72 39.42
N THR D 292 21.02 2.13 39.51
CA THR D 292 20.64 3.16 40.46
C THR D 292 19.14 3.12 40.72
N PRO D 293 18.67 2.17 41.53
CA PRO D 293 17.23 2.10 41.81
C PRO D 293 16.75 3.33 42.58
N GLU D 294 15.43 3.41 42.75
CA GLU D 294 14.89 4.46 43.61
C GLU D 294 15.37 4.25 45.04
N PRO D 295 15.69 5.32 45.77
CA PRO D 295 16.19 5.15 47.14
C PRO D 295 15.20 4.43 48.05
N GLY D 296 13.90 4.65 47.87
CA GLY D 296 12.92 4.01 48.71
C GLY D 296 12.68 2.55 48.40
N GLU D 297 13.24 2.04 47.30
CA GLU D 297 12.95 0.69 46.86
C GLU D 297 13.67 -0.32 47.76
N ASP D 298 12.91 -1.22 48.38
CA ASP D 298 13.51 -2.25 49.18
C ASP D 298 14.26 -3.24 48.29
N PRO D 299 15.36 -3.82 48.79
CA PRO D 299 16.07 -4.83 48.00
C PRO D 299 15.18 -5.89 47.40
N ARG D 300 14.17 -6.35 48.13
CA ARG D 300 13.26 -7.35 47.56
C ARG D 300 12.40 -6.75 46.46
N VAL D 301 11.93 -5.53 46.67
CA VAL D 301 11.17 -4.83 45.63
C VAL D 301 11.98 -4.74 44.35
N THR D 302 13.24 -4.29 44.48
CA THR D 302 14.12 -4.19 43.32
C THR D 302 14.37 -5.56 42.72
N ARG D 303 14.50 -6.58 43.56
CA ARG D 303 14.78 -7.92 43.05
C ARG D 303 13.65 -8.42 42.17
N ALA D 304 12.41 -8.29 42.64
CA ALA D 304 11.26 -8.73 41.84
C ALA D 304 11.05 -7.85 40.62
N LYS D 305 11.18 -6.53 40.81
CA LYS D 305 11.03 -5.57 39.72
C LYS D 305 12.03 -5.83 38.61
N TYR D 306 13.24 -6.25 38.97
CA TYR D 306 14.23 -6.63 37.97
C TYR D 306 13.94 -7.99 37.40
N PHE D 307 13.41 -8.92 38.19
CA PHE D 307 13.15 -10.26 37.67
C PHE D 307 12.10 -10.21 36.58
N ILE D 308 11.06 -9.41 36.78
CA ILE D 308 9.98 -9.34 35.80
C ILE D 308 10.47 -8.72 34.49
N ARG D 309 11.20 -7.62 34.59
CA ARG D 309 11.78 -6.99 33.41
C ARG D 309 12.74 -7.94 32.71
N LYS D 310 13.54 -8.68 33.47
CA LYS D 310 14.46 -9.65 32.88
C LYS D 310 13.67 -10.74 32.17
N GLU D 311 12.51 -11.10 32.74
CA GLU D 311 11.70 -12.16 32.16
C GLU D 311 11.21 -11.77 30.79
N PHE D 312 10.90 -10.48 30.61
CA PHE D 312 10.49 -10.01 29.29
C PHE D 312 11.68 -9.86 28.34
N VAL D 313 12.77 -9.26 28.81
CA VAL D 313 13.95 -9.04 27.98
C VAL D 313 14.57 -10.36 27.54
N ASP D 314 14.35 -11.46 28.27
CA ASP D 314 14.81 -12.76 27.78
C ASP D 314 14.15 -13.12 26.45
N ILE D 315 12.85 -12.89 26.34
CA ILE D 315 12.16 -13.11 25.07
C ILE D 315 12.66 -12.12 24.04
N SER D 316 12.79 -10.85 24.44
CA SER D 316 13.21 -9.81 23.50
C SER D 316 14.55 -10.15 22.84
N THR D 317 15.52 -10.61 23.62
CA THR D 317 16.84 -10.86 23.08
C THR D 317 17.00 -12.28 22.54
N ALA D 318 16.02 -13.16 22.71
CA ALA D 318 16.19 -14.54 22.31
C ALA D 318 16.08 -14.73 20.81
N SER D 319 15.34 -13.87 20.11
CA SER D 319 15.12 -14.06 18.69
C SER D 319 15.19 -12.80 17.85
N GLY D 320 14.99 -11.62 18.43
CA GLY D 320 15.07 -10.41 17.62
C GLY D 320 16.49 -9.88 17.56
N ASP D 321 17.21 -10.24 16.51
CA ASP D 321 18.66 -10.04 16.50
C ASP D 321 19.06 -8.58 16.51
N GLY D 322 18.82 -7.88 15.40
CA GLY D 322 19.20 -6.49 15.33
C GLY D 322 18.08 -5.58 14.88
N ARG D 323 17.13 -6.11 14.12
CA ARG D 323 16.06 -5.27 13.60
C ARG D 323 15.02 -4.97 14.64
N HIS D 324 15.23 -5.44 15.86
CA HIS D 324 14.32 -5.36 16.98
C HIS D 324 15.02 -4.79 18.19
N ILE D 325 14.33 -3.95 18.93
CA ILE D 325 14.71 -3.64 20.30
C ILE D 325 13.44 -3.67 21.15
N CYS D 326 13.57 -4.02 22.42
CA CYS D 326 12.53 -3.81 23.40
C CYS D 326 13.02 -2.80 24.40
N TYR D 327 12.17 -1.83 24.74
CA TYR D 327 12.55 -0.72 25.60
C TYR D 327 11.74 -0.77 26.89
N PRO D 328 12.17 -1.57 27.86
CA PRO D 328 11.35 -1.77 29.05
C PRO D 328 11.33 -0.53 29.92
N HIS D 329 10.22 -0.33 30.61
CA HIS D 329 10.13 0.76 31.55
C HIS D 329 9.32 0.32 32.76
N PHE D 330 9.50 1.04 33.87
CA PHE D 330 8.78 0.78 35.10
C PHE D 330 7.85 1.97 35.34
N THR D 331 6.61 1.78 34.94
CA THR D 331 5.63 2.84 34.94
C THR D 331 4.53 2.55 35.96
N CYS D 332 3.89 3.62 36.44
CA CYS D 332 2.83 3.51 37.42
C CYS D 332 1.60 4.23 36.90
N SER D 333 0.54 4.23 37.71
CA SER D 333 -0.66 4.97 37.38
C SER D 333 -0.48 6.47 37.59
N VAL D 334 0.50 6.87 38.38
CA VAL D 334 0.79 8.28 38.60
C VAL D 334 2.08 8.70 37.88
N ASP D 335 2.49 7.95 36.86
CA ASP D 335 3.74 8.22 36.17
C ASP D 335 3.50 9.25 35.08
N THR D 336 4.09 10.44 35.24
CA THR D 336 3.86 11.56 34.36
C THR D 336 4.99 11.77 33.37
N GLU D 337 5.82 10.75 33.13
CA GLU D 337 6.90 10.84 32.16
C GLU D 337 6.77 9.75 31.10
N ASN D 338 5.58 9.16 30.97
CA ASN D 338 5.41 8.08 30.02
C ASN D 338 5.44 8.57 28.58
N ALA D 339 5.02 9.82 28.36
CA ALA D 339 5.08 10.39 27.02
C ALA D 339 6.51 10.61 26.58
N ARG D 340 7.36 11.12 27.46
CA ARG D 340 8.76 11.35 27.10
C ARG D 340 9.51 10.04 26.90
N ARG D 341 9.21 9.03 27.70
CA ARG D 341 9.87 7.75 27.53
C ARG D 341 9.48 7.04 26.24
N ILE D 342 8.42 7.48 25.58
CA ILE D 342 8.12 7.04 24.22
C ILE D 342 8.89 7.85 23.19
N PHE D 343 9.09 9.14 23.49
CA PHE D 343 9.83 10.00 22.59
C PHE D 343 11.28 9.54 22.46
N ASN D 344 11.94 9.31 23.58
CA ASN D 344 13.30 8.83 23.63
C ASN D 344 13.45 7.50 23.05
N ASP D 345 12.52 6.61 23.24
CA ASP D 345 12.64 5.32 22.65
C ASP D 345 12.39 5.41 21.25
N CYS D 346 11.44 6.24 20.88
CA CYS D 346 11.07 6.45 19.51
C CYS D 346 12.12 7.05 18.75
N LYS D 347 12.84 8.00 19.35
CA LYS D 347 13.98 8.62 18.74
C LYS D 347 14.99 7.63 18.54
N ASP D 348 15.25 6.76 19.47
CA ASP D 348 16.19 5.75 19.20
C ASP D 348 15.80 4.65 18.23
N ILE D 349 14.55 4.49 17.95
CA ILE D 349 14.08 3.51 17.02
C ILE D 349 14.20 4.12 15.67
N ILE D 350 14.06 5.43 15.58
CA ILE D 350 14.20 6.08 14.33
C ILE D 350 15.61 6.00 13.91
N LEU D 351 16.54 6.34 14.78
CA LEU D 351 17.96 6.34 14.53
C LEU D 351 18.44 5.01 13.99
N GLN D 352 17.94 3.90 14.51
CA GLN D 352 18.33 2.61 13.94
C GLN D 352 17.84 2.46 12.52
N MET D 353 16.62 2.90 12.23
CA MET D 353 16.14 2.84 10.86
C MET D 353 16.96 3.73 9.92
N ASN D 354 17.30 4.94 10.37
CA ASN D 354 18.14 5.80 9.56
C ASN D 354 19.51 5.20 9.35
N LEU D 355 20.04 4.50 10.36
CA LEU D 355 21.32 3.85 10.19
C LEU D 355 21.24 2.80 9.09
N ARG D 356 20.17 2.01 9.06
CA ARG D 356 20.09 1.03 7.97
C ARG D 356 19.77 1.66 6.62
N GLU D 357 19.04 2.77 6.54
CA GLU D 357 18.69 3.23 5.20
C GLU D 357 19.67 4.23 4.62
N TYR D 358 20.53 4.82 5.43
CA TYR D 358 21.59 5.67 4.92
C TYR D 358 22.88 4.90 4.76
N ASN D 359 22.80 3.58 4.83
CA ASN D 359 23.88 2.65 4.52
C ASN D 359 25.02 2.78 5.50
N LEU D 360 24.81 3.54 6.56
CA LEU D 360 25.80 3.83 7.56
C LEU D 360 26.06 2.64 8.47
N VAL D 361 25.30 1.55 8.33
CA VAL D 361 25.54 0.34 9.09
C VAL D 361 25.01 -0.82 8.27
N GLU E 21 -26.33 -36.03 28.76
CA GLU E 21 -27.31 -34.98 28.50
C GLU E 21 -27.00 -34.24 27.20
N LEU E 22 -26.28 -33.12 27.32
CA LEU E 22 -25.87 -32.34 26.16
C LEU E 22 -24.94 -33.13 25.24
N ASP E 23 -24.17 -34.07 25.80
CA ASP E 23 -23.27 -34.88 24.98
C ASP E 23 -24.02 -35.72 23.96
N GLN E 24 -25.29 -36.04 24.21
CA GLN E 24 -26.09 -36.75 23.22
C GLN E 24 -26.23 -35.93 21.94
N LEU E 25 -26.54 -34.64 22.08
CA LEU E 25 -26.70 -33.78 20.92
C LEU E 25 -25.38 -33.61 20.18
N ARG E 26 -24.28 -33.48 20.91
CA ARG E 26 -22.97 -33.32 20.27
C ARG E 26 -22.56 -34.61 19.56
N GLN E 27 -22.86 -35.75 20.15
CA GLN E 27 -22.59 -37.02 19.48
C GLN E 27 -23.42 -37.17 18.23
N GLU E 28 -24.67 -36.71 18.26
CA GLU E 28 -25.50 -36.76 17.06
C GLU E 28 -24.98 -35.79 15.99
N ALA E 29 -24.41 -34.66 16.42
CA ALA E 29 -23.73 -33.78 15.48
C ALA E 29 -22.52 -34.47 14.85
N GLU E 30 -21.78 -35.23 15.64
CA GLU E 30 -20.67 -36.00 15.10
C GLU E 30 -21.16 -37.04 14.10
N GLN E 31 -22.31 -37.67 14.39
CA GLN E 31 -22.87 -38.64 13.45
C GLN E 31 -23.31 -37.94 12.16
N LEU E 32 -23.83 -36.73 12.27
CA LEU E 32 -24.18 -35.96 11.09
C LEU E 32 -22.94 -35.65 10.26
N LYS E 33 -21.84 -35.29 10.94
CA LYS E 33 -20.56 -35.15 10.25
C LYS E 33 -20.16 -36.43 9.52
N ASN E 34 -20.31 -37.57 10.19
CA ASN E 34 -19.92 -38.84 9.58
C ASN E 34 -20.73 -39.12 8.33
N GLN E 35 -22.04 -38.89 8.40
CA GLN E 35 -22.89 -39.11 7.23
C GLN E 35 -22.57 -38.12 6.12
N ILE E 36 -22.27 -36.86 6.46
CA ILE E 36 -21.91 -35.89 5.44
C ILE E 36 -20.61 -36.30 4.74
N ARG E 37 -19.61 -36.74 5.51
CA ARG E 37 -18.36 -37.19 4.91
C ARG E 37 -18.59 -38.42 4.04
N ASP E 38 -19.45 -39.34 4.49
CA ASP E 38 -19.74 -40.51 3.68
C ASP E 38 -20.42 -40.13 2.38
N ALA E 39 -21.36 -39.18 2.42
CA ALA E 39 -22.04 -38.76 1.20
C ALA E 39 -21.06 -38.08 0.24
N ARG E 40 -20.25 -37.16 0.76
CA ARG E 40 -19.28 -36.48 -0.09
C ARG E 40 -18.26 -37.45 -0.67
N LYS E 41 -17.92 -38.50 0.07
CA LYS E 41 -17.01 -39.50 -0.47
C LYS E 41 -17.69 -40.34 -1.54
N ALA E 42 -18.93 -40.76 -1.29
CA ALA E 42 -19.65 -41.61 -2.22
C ALA E 42 -19.99 -40.91 -3.52
N CYS E 43 -20.09 -39.58 -3.53
CA CYS E 43 -20.29 -38.86 -4.77
C CYS E 43 -19.00 -38.60 -5.53
N ALA E 44 -17.90 -39.28 -5.20
CA ALA E 44 -16.63 -39.07 -5.89
C ALA E 44 -15.89 -40.40 -6.10
N ASP E 45 -15.82 -40.82 -7.37
CA ASP E 45 -14.95 -41.94 -7.70
C ASP E 45 -13.80 -41.54 -8.62
N ALA E 46 -13.75 -40.27 -9.03
CA ALA E 46 -12.68 -39.81 -9.91
C ALA E 46 -12.41 -38.35 -9.60
N THR E 47 -11.12 -38.04 -9.47
CA THR E 47 -10.68 -36.69 -9.15
C THR E 47 -10.85 -35.79 -10.37
N LEU E 48 -10.63 -34.49 -10.15
CA LEU E 48 -10.70 -33.56 -11.27
C LEU E 48 -9.66 -33.91 -12.32
N SER E 49 -8.46 -34.30 -11.86
CA SER E 49 -7.34 -34.49 -12.77
C SER E 49 -7.55 -35.67 -13.70
N GLN E 50 -8.15 -36.75 -13.20
CA GLN E 50 -8.45 -37.87 -14.08
C GLN E 50 -9.40 -37.45 -15.19
N ILE E 51 -10.45 -36.70 -14.84
CA ILE E 51 -11.41 -36.25 -15.82
C ILE E 51 -10.77 -35.25 -16.79
N THR E 52 -9.78 -34.49 -16.32
CA THR E 52 -9.10 -33.51 -17.14
C THR E 52 -7.61 -33.84 -17.31
N ASN E 53 -7.29 -35.12 -17.47
CA ASN E 53 -5.89 -35.48 -17.74
C ASN E 53 -5.53 -35.21 -19.19
N ASN E 54 -6.46 -35.45 -20.11
CA ASN E 54 -6.21 -35.36 -21.54
C ASN E 54 -6.36 -33.96 -22.10
N ILE E 55 -6.76 -32.99 -21.28
CA ILE E 55 -6.88 -31.63 -21.77
C ILE E 55 -5.50 -31.01 -21.95
N ASP E 56 -5.38 -30.17 -22.96
CA ASP E 56 -4.09 -29.62 -23.36
C ASP E 56 -3.61 -28.62 -22.32
N PRO E 57 -2.37 -28.75 -21.83
CA PRO E 57 -1.85 -27.77 -20.88
C PRO E 57 -1.79 -26.39 -21.50
N VAL E 58 -1.85 -25.37 -20.62
CA VAL E 58 -1.86 -23.98 -21.06
C VAL E 58 -0.47 -23.50 -21.46
N GLY E 59 0.54 -24.36 -21.37
CA GLY E 59 1.89 -23.91 -21.68
C GLY E 59 2.41 -22.97 -20.60
N ARG E 60 3.33 -22.11 -20.99
CA ARG E 60 3.88 -21.10 -20.09
C ARG E 60 3.16 -19.78 -20.35
N ILE E 61 2.58 -19.22 -19.29
CA ILE E 61 1.89 -17.94 -19.36
C ILE E 61 2.86 -16.88 -18.89
N GLN E 62 3.14 -15.90 -19.74
CA GLN E 62 3.99 -14.79 -19.36
C GLN E 62 3.20 -13.50 -19.46
N MET E 63 3.26 -12.71 -18.41
CA MET E 63 2.46 -11.50 -18.29
C MET E 63 3.40 -10.41 -17.85
N ARG E 64 3.31 -9.25 -18.47
CA ARG E 64 4.27 -8.19 -18.20
C ARG E 64 3.56 -6.99 -17.63
N THR E 65 4.23 -6.28 -16.77
CA THR E 65 3.64 -5.14 -16.12
C THR E 65 3.46 -4.05 -17.16
N ARG E 66 2.25 -3.95 -17.72
CA ARG E 66 1.99 -2.91 -18.68
C ARG E 66 1.98 -1.54 -18.02
N ARG E 67 1.20 -1.38 -16.97
CA ARG E 67 1.15 -0.13 -16.24
C ARG E 67 1.59 -0.38 -14.82
N THR E 68 1.95 0.69 -14.13
CA THR E 68 2.27 0.64 -12.71
C THR E 68 1.67 1.88 -12.10
N LEU E 69 0.71 1.70 -11.21
CA LEU E 69 0.02 2.82 -10.58
C LEU E 69 0.75 3.10 -9.28
N ARG E 70 1.24 4.33 -9.14
CA ARG E 70 1.92 4.72 -7.93
C ARG E 70 1.32 6.03 -7.43
N GLY E 71 1.27 6.18 -6.12
CA GLY E 71 0.65 7.33 -5.52
C GLY E 71 0.12 7.02 -4.15
N HIS E 72 -0.01 5.73 -3.83
CA HIS E 72 -0.41 5.32 -2.49
C HIS E 72 0.79 5.42 -1.55
N LEU E 73 0.58 6.05 -0.41
CA LEU E 73 1.67 6.30 0.52
C LEU E 73 2.09 5.04 1.25
N ALA E 74 1.12 4.23 1.63
CA ALA E 74 1.36 3.05 2.44
C ALA E 74 0.89 1.81 1.71
N LYS E 75 0.94 0.68 2.40
CA LYS E 75 0.55 -0.59 1.82
C LYS E 75 -0.90 -0.60 1.35
N ILE E 76 -1.17 -1.43 0.37
CA ILE E 76 -2.48 -1.54 -0.25
C ILE E 76 -3.11 -2.84 0.21
N TYR E 77 -4.22 -2.76 0.95
CA TYR E 77 -5.04 -3.94 1.19
C TYR E 77 -5.92 -4.34 0.05
N ALA E 78 -6.66 -3.43 -0.54
CA ALA E 78 -7.65 -3.89 -1.49
C ALA E 78 -7.62 -3.04 -2.74
N MET E 79 -7.93 -3.69 -3.84
CA MET E 79 -8.33 -3.04 -5.06
C MET E 79 -9.58 -3.70 -5.58
N HIS E 80 -10.44 -2.91 -6.22
CA HIS E 80 -11.56 -3.47 -6.95
C HIS E 80 -11.65 -2.81 -8.31
N TRP E 81 -11.83 -3.62 -9.35
CA TRP E 81 -12.05 -3.11 -10.69
C TRP E 81 -13.44 -2.51 -10.83
N GLY E 82 -13.57 -1.57 -11.74
CA GLY E 82 -14.87 -1.19 -12.24
C GLY E 82 -15.40 -2.21 -13.22
N THR E 83 -16.68 -2.08 -13.56
CA THR E 83 -17.23 -2.98 -14.55
C THR E 83 -16.84 -2.61 -15.97
N ASP E 84 -16.47 -1.36 -16.21
CA ASP E 84 -16.01 -0.98 -17.54
C ASP E 84 -14.62 -1.50 -17.86
N SER E 85 -14.02 -2.25 -16.95
CA SER E 85 -12.69 -2.84 -17.12
C SER E 85 -11.64 -1.79 -17.41
N ARG E 86 -11.90 -0.59 -17.03
CA ARG E 86 -10.94 0.49 -17.23
C ARG E 86 -10.74 1.30 -15.97
N LEU E 87 -11.77 1.55 -15.20
CA LEU E 87 -11.60 2.23 -13.93
C LEU E 87 -11.23 1.21 -12.87
N LEU E 88 -10.68 1.71 -11.76
CA LEU E 88 -10.07 0.85 -10.76
C LEU E 88 -9.97 1.64 -9.48
N VAL E 89 -10.40 1.04 -8.36
CA VAL E 89 -10.26 1.67 -7.05
C VAL E 89 -9.32 0.83 -6.22
N SER E 90 -8.49 1.50 -5.44
CA SER E 90 -7.60 0.84 -4.51
C SER E 90 -7.64 1.57 -3.19
N ALA E 91 -7.49 0.81 -2.12
CA ALA E 91 -7.46 1.35 -0.77
C ALA E 91 -6.07 1.14 -0.18
N SER E 92 -5.62 2.11 0.58
CA SER E 92 -4.30 2.02 1.17
C SER E 92 -4.38 2.48 2.61
N GLN E 93 -3.45 1.96 3.41
CA GLN E 93 -3.47 2.20 4.85
C GLN E 93 -2.99 3.58 5.21
N ASP E 94 -2.53 4.37 4.25
CA ASP E 94 -2.43 5.79 4.50
C ASP E 94 -3.79 6.43 4.65
N GLY E 95 -4.86 5.75 4.22
CA GLY E 95 -6.20 6.29 4.32
C GLY E 95 -6.63 7.02 3.07
N LYS E 96 -6.39 6.42 1.91
CA LYS E 96 -6.87 6.95 0.64
C LYS E 96 -7.60 5.87 -0.12
N LEU E 97 -8.72 6.27 -0.69
CA LEU E 97 -9.31 5.58 -1.82
C LEU E 97 -8.91 6.36 -3.05
N ILE E 98 -8.13 5.75 -3.93
CA ILE E 98 -7.76 6.36 -5.18
C ILE E 98 -8.42 5.60 -6.31
N ILE E 99 -9.00 6.33 -7.25
CA ILE E 99 -9.63 5.75 -8.43
C ILE E 99 -8.78 6.08 -9.64
N TRP E 100 -8.39 5.05 -10.37
CA TRP E 100 -7.42 5.15 -11.44
C TRP E 100 -8.08 4.98 -12.79
N ASP E 101 -7.39 5.47 -13.83
CA ASP E 101 -7.82 5.29 -15.20
C ASP E 101 -7.27 4.01 -15.82
N SER E 102 -6.09 3.56 -15.43
CA SER E 102 -5.62 2.22 -15.75
C SER E 102 -5.52 1.93 -17.24
N TYR E 103 -5.68 2.95 -18.08
CA TYR E 103 -5.41 2.83 -19.50
C TYR E 103 -4.30 3.84 -19.70
N THR E 104 -4.64 5.09 -19.51
CA THR E 104 -3.71 6.07 -19.00
C THR E 104 -3.60 5.75 -17.52
N THR E 105 -2.61 6.31 -16.84
CA THR E 105 -2.42 6.04 -15.42
C THR E 105 -3.02 7.16 -14.58
N ASN E 106 -4.02 7.86 -15.12
CA ASN E 106 -4.51 9.05 -14.45
C ASN E 106 -5.26 8.67 -13.19
N LYS E 107 -5.27 9.59 -12.24
CA LYS E 107 -6.04 9.45 -11.03
C LYS E 107 -7.37 10.15 -11.24
N VAL E 108 -8.43 9.37 -11.40
CA VAL E 108 -9.75 9.93 -11.59
C VAL E 108 -10.21 10.63 -10.33
N HIS E 109 -10.01 10.01 -9.16
CA HIS E 109 -10.38 10.55 -7.86
C HIS E 109 -9.36 10.10 -6.84
N ALA E 110 -9.24 10.86 -5.76
CA ALA E 110 -8.44 10.45 -4.61
C ALA E 110 -9.22 10.83 -3.36
N ILE E 111 -9.86 9.84 -2.73
CA ILE E 111 -10.77 10.09 -1.62
C ILE E 111 -10.00 9.88 -0.31
N PRO E 112 -10.02 10.85 0.60
CA PRO E 112 -9.44 10.60 1.93
C PRO E 112 -10.46 9.96 2.84
N LEU E 113 -10.03 8.94 3.58
CA LEU E 113 -10.88 8.22 4.51
C LEU E 113 -10.77 8.78 5.91
N ARG E 114 -11.84 8.60 6.68
CA ARG E 114 -11.84 8.99 8.08
C ARG E 114 -11.08 7.99 8.96
N SER E 115 -11.01 6.73 8.54
CA SER E 115 -10.25 5.70 9.23
C SER E 115 -9.22 5.15 8.28
N SER E 116 -7.95 5.30 8.63
CA SER E 116 -6.85 4.91 7.78
C SER E 116 -6.48 3.44 7.91
N TRP E 117 -7.37 2.60 8.40
CA TRP E 117 -7.11 1.18 8.57
C TRP E 117 -8.07 0.35 7.75
N VAL E 118 -8.25 0.75 6.48
CA VAL E 118 -9.21 0.06 5.63
C VAL E 118 -8.61 -1.21 5.08
N MET E 119 -9.35 -2.29 5.24
CA MET E 119 -8.97 -3.59 4.74
C MET E 119 -9.60 -3.95 3.41
N THR E 120 -10.62 -3.21 2.98
CA THR E 120 -11.36 -3.59 1.79
C THR E 120 -11.92 -2.34 1.12
N CYS E 121 -12.14 -2.47 -0.18
CA CYS E 121 -12.80 -1.44 -0.98
C CYS E 121 -13.64 -2.15 -2.02
N ALA E 122 -14.73 -1.52 -2.42
CA ALA E 122 -15.58 -2.05 -3.46
C ALA E 122 -16.03 -0.91 -4.35
N TYR E 123 -16.32 -1.24 -5.60
CA TYR E 123 -16.68 -0.22 -6.58
C TYR E 123 -18.04 -0.65 -7.09
N ALA E 124 -19.03 0.24 -7.04
CA ALA E 124 -20.38 -0.17 -7.38
C ALA E 124 -20.48 -0.63 -8.83
N PRO E 125 -21.25 -1.68 -9.12
CA PRO E 125 -21.30 -2.19 -10.51
C PRO E 125 -21.83 -1.18 -11.51
N SER E 126 -22.60 -0.20 -11.06
CA SER E 126 -22.98 0.90 -11.94
C SER E 126 -21.80 1.81 -12.22
N GLY E 127 -20.85 1.88 -11.30
CA GLY E 127 -19.81 2.87 -11.35
C GLY E 127 -20.11 4.13 -10.56
N ASN E 128 -21.23 4.16 -9.84
CA ASN E 128 -21.62 5.35 -9.12
C ASN E 128 -20.99 5.46 -7.75
N TYR E 129 -20.61 4.35 -7.13
CA TYR E 129 -20.28 4.35 -5.71
C TYR E 129 -19.03 3.53 -5.45
N VAL E 130 -18.35 3.88 -4.37
CA VAL E 130 -17.34 3.03 -3.77
C VAL E 130 -17.64 2.91 -2.29
N ALA E 131 -17.42 1.73 -1.74
CA ALA E 131 -17.41 1.52 -0.30
C ALA E 131 -16.03 1.06 0.12
N CYS E 132 -15.54 1.54 1.25
CA CYS E 132 -14.29 0.99 1.74
C CYS E 132 -14.45 0.24 3.06
N GLY E 133 -14.79 0.90 4.14
CA GLY E 133 -14.73 0.13 5.38
C GLY E 133 -13.39 -0.52 5.74
N GLY E 134 -13.36 -1.07 6.94
CA GLY E 134 -12.14 -1.70 7.41
C GLY E 134 -12.10 -2.03 8.88
N LEU E 135 -11.04 -1.61 9.55
CA LEU E 135 -10.82 -1.88 10.97
C LEU E 135 -11.57 -0.92 11.88
N ASP E 136 -12.58 -0.23 11.37
CA ASP E 136 -13.44 0.63 12.16
C ASP E 136 -14.83 0.06 12.30
N ASN E 137 -15.11 -1.07 11.67
CA ASN E 137 -16.37 -1.82 11.76
C ASN E 137 -17.50 -1.18 10.97
N ILE E 138 -17.20 -0.24 10.07
CA ILE E 138 -18.25 0.48 9.35
C ILE E 138 -17.93 0.44 7.87
N CYS E 139 -18.95 0.26 7.04
CA CYS E 139 -18.82 0.29 5.59
C CYS E 139 -19.27 1.65 5.09
N SER E 140 -18.32 2.51 4.76
CA SER E 140 -18.61 3.86 4.28
C SER E 140 -18.88 3.79 2.80
N ILE E 141 -20.01 4.36 2.36
CA ILE E 141 -20.38 4.39 0.95
C ILE E 141 -20.07 5.77 0.41
N TYR E 142 -19.33 5.82 -0.68
CA TYR E 142 -18.93 7.08 -1.29
C TYR E 142 -19.62 7.21 -2.66
N ASN E 143 -20.16 8.39 -2.92
CA ASN E 143 -20.86 8.67 -4.17
C ASN E 143 -19.89 9.31 -5.15
N LEU E 144 -19.58 8.60 -6.22
CA LEU E 144 -18.65 9.10 -7.24
C LEU E 144 -19.33 10.07 -8.19
N LYS E 145 -20.35 9.59 -8.89
CA LYS E 145 -21.01 10.38 -9.92
C LYS E 145 -22.07 11.25 -9.26
N THR E 146 -21.63 12.23 -8.50
CA THR E 146 -22.50 13.25 -7.95
C THR E 146 -22.60 14.39 -8.94
N ARG E 147 -23.76 15.04 -8.95
CA ARG E 147 -23.90 16.26 -9.74
C ARG E 147 -22.90 17.31 -9.28
N GLU E 148 -22.57 17.29 -8.00
CA GLU E 148 -21.52 18.12 -7.44
C GLU E 148 -20.14 17.58 -7.80
N GLY E 149 -19.13 18.38 -7.50
CA GLY E 149 -17.79 18.00 -7.91
C GLY E 149 -17.24 16.83 -7.10
N ASN E 150 -17.05 17.05 -5.80
CA ASN E 150 -16.30 16.14 -4.96
C ASN E 150 -17.05 14.86 -4.66
N VAL E 151 -16.30 13.82 -4.32
CA VAL E 151 -16.87 12.55 -3.87
C VAL E 151 -17.15 12.64 -2.37
N ARG E 152 -18.43 12.67 -2.00
CA ARG E 152 -18.84 12.72 -0.61
C ARG E 152 -19.41 11.36 -0.18
N VAL E 153 -19.64 11.24 1.12
CA VAL E 153 -20.03 9.98 1.73
C VAL E 153 -21.54 9.80 1.59
N SER E 154 -21.96 8.70 0.97
CA SER E 154 -23.37 8.39 0.90
C SER E 154 -23.91 8.09 2.29
N ARG E 155 -23.35 7.06 2.94
CA ARG E 155 -23.62 6.82 4.35
C ARG E 155 -22.59 5.85 4.89
N GLU E 156 -22.58 5.72 6.21
CA GLU E 156 -21.77 4.73 6.90
C GLU E 156 -22.68 3.61 7.42
N LEU E 157 -22.25 2.38 7.23
CA LEU E 157 -23.03 1.20 7.61
C LEU E 157 -22.42 0.61 8.87
N ALA E 158 -23.02 0.89 10.01
CA ALA E 158 -22.46 0.58 11.32
C ALA E 158 -23.33 -0.47 12.01
N GLY E 159 -22.99 -1.73 11.82
CA GLY E 159 -23.68 -2.80 12.51
C GLY E 159 -22.82 -4.00 12.84
N HIS E 160 -21.56 -3.92 12.47
CA HIS E 160 -20.61 -5.01 12.71
C HIS E 160 -19.82 -4.73 13.98
N THR E 161 -19.47 -5.80 14.68
CA THR E 161 -18.69 -5.69 15.90
C THR E 161 -17.24 -6.09 15.71
N GLY E 162 -16.86 -6.56 14.53
CA GLY E 162 -15.48 -6.78 14.21
C GLY E 162 -15.16 -6.17 12.86
N TYR E 163 -13.88 -5.93 12.63
CA TYR E 163 -13.41 -5.24 11.44
C TYR E 163 -14.05 -5.83 10.18
N LEU E 164 -14.30 -4.96 9.20
CA LEU E 164 -14.78 -5.42 7.90
C LEU E 164 -13.67 -6.01 7.08
N SER E 165 -13.90 -7.22 6.59
CA SER E 165 -12.92 -7.94 5.78
C SER E 165 -13.15 -7.75 4.29
N CYS E 166 -14.39 -7.84 3.84
CA CYS E 166 -14.74 -7.69 2.44
C CYS E 166 -16.08 -7.01 2.35
N CYS E 167 -16.34 -6.42 1.19
CA CYS E 167 -17.62 -5.77 0.94
C CYS E 167 -17.83 -5.78 -0.55
N ARG E 168 -19.04 -6.13 -0.98
CA ARG E 168 -19.37 -6.22 -2.39
C ARG E 168 -20.74 -5.63 -2.61
N PHE E 169 -20.86 -4.76 -3.62
CA PHE E 169 -22.16 -4.23 -4.01
C PHE E 169 -22.94 -5.25 -4.79
N LEU E 170 -24.20 -5.46 -4.42
CA LEU E 170 -25.09 -6.19 -5.30
C LEU E 170 -25.62 -5.27 -6.40
N ASP E 171 -26.03 -4.07 -6.00
CA ASP E 171 -26.53 -3.04 -6.88
C ASP E 171 -26.25 -1.72 -6.19
N ASP E 172 -26.93 -0.66 -6.61
CA ASP E 172 -26.72 0.63 -5.95
C ASP E 172 -27.23 0.67 -4.53
N ASN E 173 -28.08 -0.28 -4.11
CA ASN E 173 -28.70 -0.19 -2.80
C ASN E 173 -28.49 -1.41 -1.92
N GLN E 174 -27.81 -2.43 -2.39
CA GLN E 174 -27.52 -3.60 -1.58
C GLN E 174 -26.03 -3.90 -1.63
N ILE E 175 -25.42 -4.06 -0.47
CA ILE E 175 -24.00 -4.37 -0.36
C ILE E 175 -23.83 -5.47 0.69
N VAL E 176 -23.03 -6.48 0.37
CA VAL E 176 -22.74 -7.57 1.29
C VAL E 176 -21.41 -7.27 1.94
N THR E 177 -21.39 -7.14 3.25
CA THR E 177 -20.17 -6.83 4.00
C THR E 177 -19.81 -7.99 4.92
N SER E 178 -18.58 -8.45 4.77
CA SER E 178 -17.99 -9.48 5.61
C SER E 178 -17.28 -8.84 6.79
N SER E 179 -17.24 -9.55 7.91
CA SER E 179 -16.67 -8.95 9.10
C SER E 179 -15.85 -9.95 9.90
N GLY E 180 -14.99 -9.39 10.75
CA GLY E 180 -14.20 -10.07 11.75
C GLY E 180 -14.95 -10.42 13.00
N ASP E 181 -16.26 -10.21 13.02
CA ASP E 181 -17.12 -10.68 14.09
C ASP E 181 -17.77 -12.01 13.74
N THR E 182 -17.22 -12.71 12.76
CA THR E 182 -17.64 -14.03 12.30
C THR E 182 -18.94 -14.03 11.52
N THR E 183 -19.54 -12.87 11.24
CA THR E 183 -20.80 -12.80 10.53
C THR E 183 -20.69 -11.93 9.29
N CYS E 184 -21.36 -12.36 8.22
CA CYS E 184 -21.61 -11.54 7.05
C CYS E 184 -22.99 -10.89 7.17
N ALA E 185 -23.13 -9.70 6.61
CA ALA E 185 -24.37 -8.95 6.71
C ALA E 185 -24.74 -8.36 5.37
N LEU E 186 -26.00 -8.52 4.99
CA LEU E 186 -26.54 -7.86 3.81
C LEU E 186 -27.22 -6.56 4.24
N TRP E 187 -26.92 -5.49 3.53
CA TRP E 187 -27.37 -4.16 3.94
C TRP E 187 -28.32 -3.59 2.90
N ASP E 188 -29.05 -2.57 3.31
CA ASP E 188 -29.93 -1.80 2.45
C ASP E 188 -29.41 -0.37 2.55
N ILE E 189 -28.82 0.14 1.46
CA ILE E 189 -28.03 1.35 1.55
C ILE E 189 -28.91 2.57 1.81
N GLU E 190 -30.16 2.59 1.32
CA GLU E 190 -31.03 3.72 1.65
C GLU E 190 -31.21 3.85 3.15
N THR E 191 -31.63 2.77 3.81
CA THR E 191 -31.93 2.84 5.23
C THR E 191 -30.69 2.80 6.10
N GLY E 192 -29.65 2.11 5.63
CA GLY E 192 -28.48 1.88 6.47
C GLY E 192 -28.63 0.76 7.45
N GLN E 193 -29.60 -0.12 7.25
CA GLN E 193 -29.94 -1.14 8.23
C GLN E 193 -29.78 -2.52 7.59
N GLN E 194 -29.30 -3.46 8.40
CA GLN E 194 -29.05 -4.80 7.92
C GLN E 194 -30.35 -5.46 7.48
N THR E 195 -30.44 -5.74 6.19
CA THR E 195 -31.52 -6.56 5.66
C THR E 195 -31.40 -8.01 6.11
N THR E 196 -30.19 -8.53 6.21
CA THR E 196 -29.97 -9.90 6.61
C THR E 196 -28.63 -10.02 7.31
N THR E 197 -28.53 -10.97 8.23
CA THR E 197 -27.29 -11.28 8.93
C THR E 197 -27.02 -12.77 8.80
N PHE E 198 -25.83 -13.10 8.32
CA PHE E 198 -25.41 -14.49 8.08
C PHE E 198 -24.47 -14.89 9.20
N THR E 199 -24.82 -15.94 9.94
CA THR E 199 -24.24 -16.23 11.24
C THR E 199 -23.84 -17.68 11.38
N GLY E 200 -22.99 -18.17 10.51
CA GLY E 200 -22.50 -19.54 10.65
C GLY E 200 -21.07 -19.72 11.09
N HIS E 201 -20.13 -18.89 10.63
CA HIS E 201 -18.72 -19.16 10.89
C HIS E 201 -18.37 -18.96 12.35
N THR E 202 -17.43 -19.77 12.83
CA THR E 202 -16.90 -19.62 14.17
C THR E 202 -15.68 -18.72 14.19
N GLY E 203 -14.78 -18.89 13.21
CA GLY E 203 -13.70 -17.95 13.03
C GLY E 203 -14.11 -16.80 12.14
N ASP E 204 -13.45 -15.67 12.32
CA ASP E 204 -13.90 -14.46 11.65
C ASP E 204 -13.72 -14.56 10.13
N VAL E 205 -14.59 -13.86 9.40
CA VAL E 205 -14.73 -14.06 7.97
C VAL E 205 -13.82 -13.08 7.24
N MET E 206 -13.02 -13.60 6.31
CA MET E 206 -11.95 -12.82 5.70
C MET E 206 -12.23 -12.37 4.28
N SER E 207 -12.96 -13.14 3.49
CA SER E 207 -13.22 -12.78 2.12
C SER E 207 -14.66 -13.09 1.77
N LEU E 208 -15.05 -12.67 0.55
CA LEU E 208 -16.44 -12.64 0.13
C LEU E 208 -16.47 -12.63 -1.38
N SER E 209 -17.42 -13.32 -1.97
CA SER E 209 -17.52 -13.42 -3.42
C SER E 209 -18.98 -13.62 -3.80
N LEU E 210 -19.59 -12.60 -4.39
CA LEU E 210 -20.94 -12.73 -4.93
C LEU E 210 -20.94 -13.71 -6.10
N ALA E 211 -22.06 -14.39 -6.28
CA ALA E 211 -22.22 -15.27 -7.41
C ALA E 211 -22.38 -14.45 -8.69
N PRO E 212 -22.16 -15.06 -9.85
CA PRO E 212 -22.40 -14.33 -11.10
C PRO E 212 -23.80 -13.74 -11.20
N ASP E 213 -24.83 -14.45 -10.72
CA ASP E 213 -26.19 -13.92 -10.77
C ASP E 213 -26.61 -13.22 -9.48
N THR E 214 -25.72 -13.10 -8.51
CA THR E 214 -25.96 -12.43 -7.23
C THR E 214 -27.11 -13.06 -6.45
N ARG E 215 -27.39 -14.34 -6.67
CA ARG E 215 -28.31 -15.05 -5.80
C ARG E 215 -27.61 -15.70 -4.62
N LEU E 216 -26.32 -15.96 -4.73
CA LEU E 216 -25.54 -16.61 -3.69
C LEU E 216 -24.23 -15.87 -3.50
N PHE E 217 -23.52 -16.25 -2.43
CA PHE E 217 -22.14 -15.82 -2.26
C PHE E 217 -21.43 -16.79 -1.34
N VAL E 218 -20.19 -17.09 -1.66
CA VAL E 218 -19.37 -17.90 -0.78
C VAL E 218 -18.58 -16.99 0.14
N SER E 219 -18.10 -17.56 1.23
CA SER E 219 -17.53 -16.82 2.34
C SER E 219 -16.49 -17.69 3.01
N GLY E 220 -15.25 -17.21 3.06
CA GLY E 220 -14.16 -17.93 3.70
C GLY E 220 -13.78 -17.23 5.00
N ALA E 221 -13.49 -18.01 6.04
CA ALA E 221 -13.26 -17.43 7.35
C ALA E 221 -12.03 -18.05 8.01
N CYS E 222 -11.71 -17.52 9.20
CA CYS E 222 -10.63 -17.99 10.03
C CYS E 222 -10.96 -19.24 10.80
N ASP E 223 -11.94 -20.03 10.40
CA ASP E 223 -12.15 -21.35 10.95
C ASP E 223 -11.82 -22.45 9.97
N ALA E 224 -11.12 -22.09 8.88
CA ALA E 224 -10.75 -23.03 7.83
C ALA E 224 -11.96 -23.66 7.16
N SER E 225 -13.04 -22.90 7.03
CA SER E 225 -14.27 -23.38 6.43
C SER E 225 -14.81 -22.30 5.50
N ALA E 226 -15.33 -22.72 4.35
CA ALA E 226 -16.03 -21.83 3.45
C ALA E 226 -17.49 -22.21 3.41
N LYS E 227 -18.37 -21.20 3.48
CA LYS E 227 -19.80 -21.42 3.53
C LYS E 227 -20.47 -20.81 2.32
N LEU E 228 -21.35 -21.56 1.67
CA LEU E 228 -22.20 -21.05 0.62
C LEU E 228 -23.49 -20.54 1.24
N TRP E 229 -23.84 -19.30 0.93
CA TRP E 229 -24.99 -18.65 1.51
C TRP E 229 -26.04 -18.41 0.44
N ASP E 230 -27.30 -18.30 0.87
CA ASP E 230 -28.38 -17.91 -0.02
C ASP E 230 -28.83 -16.51 0.40
N VAL E 231 -28.51 -15.52 -0.42
CA VAL E 231 -28.94 -14.15 -0.12
C VAL E 231 -30.32 -13.99 -0.73
N ARG E 232 -31.28 -14.61 -0.07
CA ARG E 232 -32.69 -14.27 -0.11
C ARG E 232 -33.30 -14.27 1.27
N GLU E 233 -32.85 -15.17 2.14
CA GLU E 233 -33.28 -15.26 3.52
C GLU E 233 -32.14 -15.11 4.52
N GLY E 234 -30.98 -15.70 4.24
CA GLY E 234 -29.86 -15.56 5.14
C GLY E 234 -29.45 -16.84 5.82
N MET E 235 -29.58 -17.95 5.14
CA MET E 235 -29.20 -19.25 5.69
C MET E 235 -28.11 -19.87 4.84
N CYS E 236 -27.29 -20.70 5.47
CA CYS E 236 -26.13 -21.28 4.81
C CYS E 236 -26.56 -22.52 4.05
N ARG E 237 -26.38 -22.52 2.72
CA ARG E 237 -26.72 -23.69 1.94
C ARG E 237 -25.74 -24.84 2.21
N GLN E 238 -24.45 -24.54 2.17
CA GLN E 238 -23.43 -25.58 2.20
C GLN E 238 -22.22 -25.06 2.97
N THR E 239 -21.46 -25.97 3.55
CA THR E 239 -20.21 -25.65 4.21
C THR E 239 -19.13 -26.53 3.59
N PHE E 240 -18.02 -25.91 3.21
CA PHE E 240 -16.90 -26.63 2.61
C PHE E 240 -15.73 -26.52 3.56
N THR E 241 -15.16 -27.66 3.93
CA THR E 241 -14.07 -27.72 4.91
C THR E 241 -13.03 -28.68 4.38
N GLY E 242 -12.02 -28.14 3.72
CA GLY E 242 -10.94 -28.97 3.25
C GLY E 242 -9.59 -28.42 3.64
N HIS E 243 -9.53 -27.12 3.91
CA HIS E 243 -8.25 -26.49 4.15
C HIS E 243 -7.69 -26.91 5.50
N GLU E 244 -6.48 -26.44 5.79
CA GLU E 244 -5.82 -26.70 7.05
C GLU E 244 -5.81 -25.51 7.97
N SER E 245 -5.53 -24.33 7.45
CA SER E 245 -5.51 -23.12 8.23
C SER E 245 -6.61 -22.22 7.74
N ASP E 246 -6.59 -20.97 8.19
CA ASP E 246 -7.70 -20.09 7.91
C ASP E 246 -7.67 -19.55 6.48
N ILE E 247 -8.86 -19.37 5.91
CA ILE E 247 -9.05 -19.08 4.50
C ILE E 247 -9.04 -17.58 4.28
N ASN E 248 -8.11 -17.12 3.43
CA ASN E 248 -7.84 -15.70 3.27
C ASN E 248 -8.57 -15.06 2.11
N ALA E 249 -8.91 -15.83 1.09
CA ALA E 249 -9.54 -15.29 -0.09
C ALA E 249 -10.35 -16.35 -0.80
N ILE E 250 -11.48 -15.93 -1.36
CA ILE E 250 -12.37 -16.77 -2.14
C ILE E 250 -12.76 -16.02 -3.40
N CYS E 251 -13.24 -16.78 -4.37
CA CYS E 251 -13.67 -16.23 -5.65
C CYS E 251 -14.46 -17.30 -6.36
N PHE E 252 -15.71 -17.01 -6.75
CA PHE E 252 -16.37 -17.86 -7.72
C PHE E 252 -15.66 -17.98 -9.05
N PHE E 253 -15.64 -19.21 -9.55
CA PHE E 253 -15.42 -19.50 -10.93
C PHE E 253 -16.36 -18.65 -11.78
N PRO E 254 -15.97 -18.30 -13.01
CA PRO E 254 -16.91 -17.58 -13.88
C PRO E 254 -18.23 -18.30 -14.06
N ASN E 255 -18.24 -19.62 -14.01
CA ASN E 255 -19.47 -20.38 -14.17
C ASN E 255 -20.47 -20.05 -13.08
N GLY E 256 -19.99 -19.91 -11.85
CA GLY E 256 -20.86 -19.80 -10.70
C GLY E 256 -21.15 -21.11 -10.01
N ASN E 257 -20.69 -22.22 -10.56
CA ASN E 257 -20.84 -23.54 -9.99
C ASN E 257 -19.58 -24.04 -9.30
N ALA E 258 -18.65 -23.15 -9.00
CA ALA E 258 -17.43 -23.51 -8.30
C ALA E 258 -16.85 -22.25 -7.67
N PHE E 259 -15.81 -22.43 -6.87
CA PHE E 259 -15.09 -21.31 -6.30
C PHE E 259 -13.73 -21.79 -5.82
N ALA E 260 -12.79 -20.86 -5.76
CA ALA E 260 -11.43 -21.16 -5.35
C ALA E 260 -11.13 -20.44 -4.05
N THR E 261 -10.50 -21.15 -3.13
CA THR E 261 -10.20 -20.64 -1.81
C THR E 261 -8.70 -20.45 -1.66
N GLY E 262 -8.30 -19.27 -1.24
CA GLY E 262 -6.90 -19.02 -1.02
C GLY E 262 -6.60 -19.00 0.46
N SER E 263 -5.91 -20.02 0.96
CA SER E 263 -5.83 -20.20 2.39
C SER E 263 -4.44 -19.91 2.92
N ASP E 264 -4.30 -20.08 4.21
CA ASP E 264 -3.08 -19.68 4.89
C ASP E 264 -2.17 -20.87 5.14
N ASP E 265 -2.63 -22.08 4.82
CA ASP E 265 -1.80 -23.26 4.84
C ASP E 265 -0.96 -23.38 3.58
N ALA E 266 -0.77 -22.28 2.86
CA ALA E 266 0.02 -22.25 1.62
C ALA E 266 -0.62 -23.07 0.51
N THR E 267 -1.95 -23.15 0.48
CA THR E 267 -2.63 -23.83 -0.61
C THR E 267 -3.76 -22.97 -1.13
N CYS E 268 -4.12 -23.24 -2.39
CA CYS E 268 -5.37 -22.82 -3.00
C CYS E 268 -6.13 -24.08 -3.36
N ARG E 269 -7.44 -24.07 -3.16
CA ARG E 269 -8.27 -25.22 -3.48
C ARG E 269 -9.47 -24.77 -4.28
N LEU E 270 -9.95 -25.64 -5.15
CA LEU E 270 -11.15 -25.39 -5.93
C LEU E 270 -12.28 -26.26 -5.37
N PHE E 271 -13.32 -25.62 -4.88
CA PHE E 271 -14.53 -26.32 -4.45
C PHE E 271 -15.62 -26.06 -5.47
N ASP E 272 -16.52 -27.02 -5.63
CA ASP E 272 -17.68 -26.87 -6.49
C ASP E 272 -18.95 -27.07 -5.69
N LEU E 273 -19.97 -26.29 -6.01
CA LEU E 273 -21.18 -26.27 -5.19
C LEU E 273 -22.01 -27.53 -5.39
N ARG E 274 -22.15 -28.01 -6.62
CA ARG E 274 -23.13 -29.05 -6.89
C ARG E 274 -22.69 -30.40 -6.36
N ALA E 275 -21.42 -30.77 -6.55
CA ALA E 275 -20.91 -31.96 -5.89
C ALA E 275 -20.63 -31.71 -4.42
N ASP E 276 -20.29 -30.48 -4.07
CA ASP E 276 -20.15 -30.07 -2.67
C ASP E 276 -18.97 -30.77 -2.00
N GLN E 277 -17.81 -30.73 -2.65
CA GLN E 277 -16.56 -31.14 -2.02
C GLN E 277 -15.41 -30.58 -2.82
N GLU E 278 -14.20 -30.78 -2.32
CA GLU E 278 -13.02 -30.21 -2.95
C GLU E 278 -12.70 -30.93 -4.25
N LEU E 279 -12.25 -30.16 -5.24
CA LEU E 279 -11.92 -30.69 -6.56
C LEU E 279 -10.43 -30.79 -6.80
N MET E 280 -9.69 -29.70 -6.71
CA MET E 280 -8.24 -29.78 -6.63
C MET E 280 -7.68 -28.80 -5.64
N THR E 281 -6.47 -29.11 -5.19
CA THR E 281 -5.64 -28.21 -4.40
C THR E 281 -4.45 -27.79 -5.24
N TYR E 282 -4.23 -26.49 -5.31
CA TYR E 282 -3.16 -25.89 -6.10
C TYR E 282 -2.04 -25.56 -5.14
N SER E 283 -1.07 -26.47 -5.05
CA SER E 283 0.01 -26.33 -4.09
C SER E 283 1.31 -26.82 -4.71
N HIS E 284 2.40 -26.28 -4.20
CA HIS E 284 3.75 -26.70 -4.57
C HIS E 284 4.65 -26.52 -3.36
N ASP E 285 5.60 -27.45 -3.20
CA ASP E 285 6.38 -27.52 -1.96
C ASP E 285 7.16 -26.25 -1.71
N ASN E 286 7.60 -25.56 -2.76
CA ASN E 286 8.37 -24.34 -2.59
C ASN E 286 7.56 -23.27 -1.89
N ILE E 287 6.25 -23.28 -2.07
CA ILE E 287 5.39 -22.31 -1.41
C ILE E 287 5.17 -22.75 0.03
N ILE E 288 5.58 -21.91 0.98
CA ILE E 288 5.31 -22.10 2.38
C ILE E 288 4.69 -20.87 3.03
N CYS E 289 4.16 -19.95 2.25
CA CYS E 289 3.52 -18.76 2.76
C CYS E 289 2.02 -18.82 2.42
N GLY E 290 1.25 -18.00 3.09
CA GLY E 290 -0.17 -18.00 2.85
C GLY E 290 -0.55 -17.32 1.56
N ILE E 291 -1.75 -17.67 1.08
CA ILE E 291 -2.36 -16.99 -0.05
C ILE E 291 -3.05 -15.77 0.50
N THR E 292 -3.00 -14.67 -0.23
CA THR E 292 -3.65 -13.44 0.23
C THR E 292 -4.82 -13.07 -0.64
N SER E 293 -4.87 -13.58 -1.86
CA SER E 293 -5.87 -13.21 -2.84
C SER E 293 -5.93 -14.28 -3.91
N VAL E 294 -7.10 -14.46 -4.50
CA VAL E 294 -7.29 -15.37 -5.63
C VAL E 294 -8.17 -14.66 -6.64
N SER E 295 -8.09 -15.14 -7.88
CA SER E 295 -8.92 -14.62 -8.97
C SER E 295 -8.81 -15.58 -10.13
N PHE E 296 -9.90 -15.75 -10.86
CA PHE E 296 -9.89 -16.45 -12.13
C PHE E 296 -9.80 -15.44 -13.25
N SER E 297 -9.49 -15.92 -14.46
CA SER E 297 -9.30 -14.96 -15.52
C SER E 297 -10.58 -14.51 -16.22
N LYS E 298 -11.06 -15.31 -17.17
CA LYS E 298 -12.37 -15.13 -17.74
C LYS E 298 -13.01 -16.49 -18.08
N SER E 299 -12.22 -17.44 -18.55
CA SER E 299 -12.74 -18.76 -18.82
C SER E 299 -12.58 -19.71 -17.65
N GLY E 300 -11.97 -19.23 -16.57
CA GLY E 300 -11.69 -20.07 -15.43
C GLY E 300 -10.63 -21.12 -15.68
N ARG E 301 -9.82 -20.96 -16.71
CA ARG E 301 -8.68 -21.84 -16.89
C ARG E 301 -7.48 -21.34 -16.13
N LEU E 302 -7.56 -20.14 -15.57
CA LEU E 302 -6.34 -19.51 -15.09
C LEU E 302 -6.68 -18.90 -13.74
N LEU E 303 -6.35 -19.61 -12.67
CA LEU E 303 -6.50 -19.07 -11.33
C LEU E 303 -5.26 -18.27 -10.98
N LEU E 304 -5.45 -17.03 -10.55
CA LEU E 304 -4.34 -16.17 -10.19
C LEU E 304 -4.37 -15.98 -8.68
N ALA E 305 -3.28 -16.29 -8.01
CA ALA E 305 -3.22 -16.23 -6.56
C ALA E 305 -2.06 -15.36 -6.11
N GLY E 306 -2.35 -14.42 -5.21
CA GLY E 306 -1.30 -13.63 -4.59
C GLY E 306 -0.77 -14.29 -3.34
N TYR E 307 0.51 -14.10 -3.06
CA TYR E 307 1.14 -14.80 -1.96
C TYR E 307 1.84 -13.83 -1.02
N ASP E 308 2.29 -14.37 0.12
CA ASP E 308 3.09 -13.65 1.07
C ASP E 308 4.57 -13.65 0.71
N ASP E 309 5.02 -14.54 -0.17
CA ASP E 309 6.38 -14.54 -0.63
C ASP E 309 6.61 -13.56 -1.76
N PHE E 310 5.74 -12.56 -1.86
CA PHE E 310 5.90 -11.33 -2.63
C PHE E 310 5.49 -11.44 -4.09
N ASN E 311 5.09 -12.60 -4.59
CA ASN E 311 4.80 -12.66 -6.01
C ASN E 311 3.58 -13.54 -6.28
N CYS E 312 2.73 -13.05 -7.18
CA CYS E 312 1.56 -13.77 -7.60
C CYS E 312 1.96 -14.98 -8.44
N ASN E 313 1.28 -16.09 -8.21
CA ASN E 313 1.47 -17.26 -9.05
C ASN E 313 0.23 -17.46 -9.89
N VAL E 314 0.42 -17.87 -11.12
CA VAL E 314 -0.69 -18.11 -12.04
C VAL E 314 -0.88 -19.60 -12.11
N TRP E 315 -2.08 -20.05 -11.76
CA TRP E 315 -2.35 -21.47 -11.65
C TRP E 315 -3.26 -21.89 -12.80
N ASP E 316 -2.86 -22.94 -13.48
CA ASP E 316 -3.75 -23.60 -14.42
C ASP E 316 -4.84 -24.28 -13.61
N ALA E 317 -6.04 -23.72 -13.64
CA ALA E 317 -7.10 -24.16 -12.75
C ALA E 317 -7.58 -25.57 -13.07
N LEU E 318 -7.18 -26.15 -14.20
CA LEU E 318 -7.62 -27.49 -14.57
C LEU E 318 -6.53 -28.55 -14.54
N LYS E 319 -5.26 -28.17 -14.63
CA LYS E 319 -4.15 -29.08 -14.42
C LYS E 319 -3.61 -29.11 -12.99
N ALA E 320 -3.80 -28.05 -12.22
CA ALA E 320 -3.20 -27.87 -10.91
C ALA E 320 -1.69 -27.79 -10.95
N ASP E 321 -1.13 -26.98 -11.84
CA ASP E 321 0.30 -26.70 -11.84
C ASP E 321 0.52 -25.22 -12.13
N ARG E 322 1.65 -24.70 -11.70
CA ARG E 322 1.94 -23.31 -12.01
C ARG E 322 2.25 -23.15 -13.48
N ALA E 323 1.74 -22.06 -14.04
CA ALA E 323 2.09 -21.63 -15.38
C ALA E 323 2.16 -20.12 -15.27
N GLY E 324 3.34 -19.61 -15.00
CA GLY E 324 3.46 -18.17 -14.96
C GLY E 324 3.54 -17.64 -13.54
N VAL E 325 4.35 -16.60 -13.37
CA VAL E 325 4.54 -15.95 -12.09
C VAL E 325 4.51 -14.45 -12.34
N LEU E 326 3.78 -13.71 -11.53
CA LEU E 326 3.74 -12.26 -11.62
C LEU E 326 4.69 -11.72 -10.57
N ALA E 327 5.98 -11.80 -10.83
CA ALA E 327 7.02 -11.43 -9.88
C ALA E 327 7.49 -10.03 -10.20
N GLY E 328 6.95 -9.05 -9.52
CA GLY E 328 7.41 -7.70 -9.71
C GLY E 328 7.21 -6.82 -8.51
N HIS E 329 6.78 -7.41 -7.40
CA HIS E 329 6.40 -6.66 -6.24
C HIS E 329 7.43 -6.83 -5.14
N ASP E 330 7.73 -5.73 -4.45
CA ASP E 330 8.78 -5.75 -3.44
C ASP E 330 8.30 -6.35 -2.13
N ASN E 331 7.03 -6.19 -1.79
CA ASN E 331 6.44 -6.68 -0.57
C ASN E 331 5.35 -7.68 -0.89
N ARG E 332 4.61 -8.11 0.12
CA ARG E 332 3.61 -9.14 -0.09
C ARG E 332 2.47 -8.62 -0.93
N VAL E 333 1.90 -9.52 -1.73
CA VAL E 333 0.79 -9.16 -2.60
C VAL E 333 -0.49 -9.25 -1.79
N SER E 334 -1.18 -8.13 -1.65
CA SER E 334 -2.31 -8.07 -0.77
C SER E 334 -3.66 -8.11 -1.47
N CYS E 335 -3.70 -8.05 -2.80
CA CYS E 335 -4.94 -7.98 -3.53
C CYS E 335 -4.70 -8.24 -5.01
N LEU E 336 -5.76 -8.70 -5.67
CA LEU E 336 -5.75 -9.10 -7.05
C LEU E 336 -7.08 -8.70 -7.66
N GLY E 337 -7.12 -8.64 -8.99
CA GLY E 337 -8.36 -8.40 -9.67
C GLY E 337 -8.21 -8.60 -11.15
N VAL E 338 -9.15 -9.27 -11.78
CA VAL E 338 -9.21 -9.37 -13.22
C VAL E 338 -10.34 -8.48 -13.71
N THR E 339 -10.14 -7.87 -14.87
CA THR E 339 -11.17 -7.03 -15.47
C THR E 339 -12.36 -7.86 -15.89
N ASP E 340 -13.53 -7.20 -15.94
CA ASP E 340 -14.74 -7.89 -16.35
C ASP E 340 -14.63 -8.44 -17.76
N ASP E 341 -13.94 -7.75 -18.67
CA ASP E 341 -13.68 -8.33 -19.98
C ASP E 341 -12.44 -9.19 -20.01
N GLY E 342 -11.67 -9.22 -18.93
CA GLY E 342 -10.56 -10.13 -18.82
C GLY E 342 -9.27 -9.66 -19.42
N MET E 343 -9.18 -8.41 -19.88
CA MET E 343 -7.98 -7.92 -20.54
C MET E 343 -6.79 -7.84 -19.60
N ALA E 344 -7.01 -7.59 -18.32
CA ALA E 344 -5.91 -7.25 -17.44
C ALA E 344 -6.12 -7.89 -16.09
N VAL E 345 -5.02 -8.06 -15.36
CA VAL E 345 -5.05 -8.30 -13.93
C VAL E 345 -4.29 -7.17 -13.26
N ALA E 346 -4.85 -6.61 -12.21
CA ALA E 346 -4.13 -5.68 -11.37
C ALA E 346 -3.80 -6.35 -10.05
N THR E 347 -2.58 -6.17 -9.57
CA THR E 347 -2.16 -6.66 -8.27
C THR E 347 -1.69 -5.48 -7.45
N GLY E 348 -2.35 -5.23 -6.35
CA GLY E 348 -1.80 -4.35 -5.35
C GLY E 348 -0.87 -5.09 -4.44
N SER E 349 -0.16 -4.34 -3.61
CA SER E 349 0.86 -4.96 -2.79
C SER E 349 1.19 -4.06 -1.63
N TRP E 350 1.86 -4.64 -0.65
CA TRP E 350 2.26 -3.92 0.54
C TRP E 350 3.41 -2.96 0.31
N ASP E 351 4.02 -2.97 -0.89
CA ASP E 351 5.00 -1.96 -1.25
C ASP E 351 4.35 -0.68 -1.76
N SER E 352 3.03 -0.63 -1.80
CA SER E 352 2.23 0.56 -2.14
C SER E 352 2.13 0.79 -3.63
N PHE E 353 2.37 -0.22 -4.44
CA PHE E 353 2.29 -0.08 -5.89
C PHE E 353 1.30 -1.07 -6.45
N LEU E 354 0.47 -0.58 -7.37
CA LEU E 354 -0.40 -1.39 -8.19
C LEU E 354 0.24 -1.63 -9.53
N LYS E 355 0.14 -2.85 -10.02
CA LYS E 355 0.66 -3.20 -11.32
C LYS E 355 -0.47 -3.80 -12.14
N ILE E 356 -0.64 -3.32 -13.36
CA ILE E 356 -1.53 -3.96 -14.33
C ILE E 356 -0.69 -4.85 -15.22
N TRP E 357 -1.20 -6.03 -15.53
CA TRP E 357 -0.47 -7.02 -16.32
C TRP E 357 -1.32 -7.44 -17.51
N ASN E 358 -0.66 -8.04 -18.50
CA ASN E 358 -1.33 -8.72 -19.62
C ASN E 358 -0.54 -9.90 -20.12
N GLN F 24 -11.38 -31.60 7.60
CA GLN F 24 -11.72 -30.72 8.70
C GLN F 24 -10.76 -30.94 9.87
N VAL F 25 -10.39 -29.85 10.53
CA VAL F 25 -9.35 -29.88 11.55
C VAL F 25 -9.95 -30.41 12.84
N GLN F 26 -9.51 -31.61 13.23
CA GLN F 26 -9.98 -32.27 14.45
C GLN F 26 -8.84 -32.38 15.44
N LEU F 27 -9.15 -32.25 16.73
CA LEU F 27 -8.18 -32.45 17.81
C LEU F 27 -8.94 -33.07 18.98
N GLN F 28 -8.89 -34.39 19.09
CA GLN F 28 -9.62 -35.12 20.12
C GLN F 28 -8.68 -35.50 21.26
N GLU F 29 -8.96 -35.00 22.46
CA GLU F 29 -8.16 -35.30 23.63
C GLU F 29 -8.54 -36.66 24.22
N SER F 30 -7.58 -37.27 24.91
CA SER F 30 -7.78 -38.49 25.66
C SER F 30 -7.26 -38.28 27.07
N GLY F 31 -7.36 -39.32 27.89
CA GLY F 31 -6.93 -39.22 29.27
C GLY F 31 -7.92 -38.46 30.13
N GLY F 32 -7.44 -38.07 31.30
CA GLY F 32 -8.29 -37.38 32.25
C GLY F 32 -8.94 -38.37 33.21
N GLY F 33 -9.27 -37.90 34.40
CA GLY F 33 -9.90 -38.78 35.38
C GLY F 33 -9.87 -38.22 36.78
N LEU F 34 -9.81 -39.13 37.75
CA LEU F 34 -9.87 -38.82 39.18
C LEU F 34 -8.61 -39.25 39.91
N VAL F 35 -7.44 -38.90 39.40
CA VAL F 35 -6.20 -39.29 40.06
C VAL F 35 -6.09 -38.61 41.42
N GLN F 36 -5.41 -39.28 42.35
CA GLN F 36 -5.17 -38.75 43.67
C GLN F 36 -4.16 -37.60 43.61
N PRO F 37 -4.18 -36.71 44.62
CA PRO F 37 -3.26 -35.56 44.59
C PRO F 37 -1.80 -35.97 44.71
N GLY F 38 -1.21 -36.32 43.57
CA GLY F 38 0.15 -36.79 43.50
C GLY F 38 0.31 -37.84 42.42
N GLY F 39 -0.80 -38.25 41.83
CA GLY F 39 -0.78 -39.30 40.83
C GLY F 39 -0.27 -38.82 39.48
N SER F 40 -0.03 -39.79 38.60
CA SER F 40 0.49 -39.54 37.27
C SER F 40 -0.58 -39.89 36.24
N LEU F 41 -1.09 -38.88 35.56
CA LEU F 41 -2.15 -39.02 34.58
C LEU F 41 -1.65 -38.50 33.24
N ARG F 42 -1.77 -39.32 32.19
CA ARG F 42 -1.23 -38.97 30.89
C ARG F 42 -2.35 -38.54 29.97
N LEU F 43 -2.23 -37.33 29.41
CA LEU F 43 -3.16 -36.85 28.41
C LEU F 43 -2.71 -37.29 27.03
N SER F 44 -3.62 -37.24 26.08
CA SER F 44 -3.31 -37.53 24.69
C SER F 44 -4.09 -36.56 23.82
N CYS F 45 -3.78 -36.56 22.53
CA CYS F 45 -4.47 -35.67 21.59
C CYS F 45 -4.34 -36.24 20.20
N ALA F 46 -5.37 -36.93 19.73
CA ALA F 46 -5.43 -37.36 18.35
C ALA F 46 -5.66 -36.14 17.48
N ALA F 47 -4.97 -36.06 16.34
CA ALA F 47 -5.11 -34.95 15.43
C ALA F 47 -5.31 -35.47 14.02
N SER F 48 -6.28 -34.90 13.31
CA SER F 48 -6.54 -35.25 11.93
C SER F 48 -6.97 -34.00 11.19
N GLY F 49 -6.81 -34.03 9.87
CA GLY F 49 -7.23 -32.94 9.03
C GLY F 49 -6.18 -31.89 8.78
N PHE F 50 -4.98 -32.06 9.30
CA PHE F 50 -3.87 -31.18 8.96
C PHE F 50 -2.58 -31.98 9.03
N THR F 51 -1.62 -31.59 8.20
CA THR F 51 -0.30 -32.18 8.27
C THR F 51 0.34 -31.79 9.59
N PHE F 52 0.49 -32.78 10.48
CA PHE F 52 0.74 -32.49 11.88
C PHE F 52 2.07 -31.77 12.09
N SER F 53 3.09 -32.19 11.38
CA SER F 53 4.47 -31.82 11.70
C SER F 53 4.75 -30.34 11.55
N ASN F 54 3.88 -29.58 10.93
CA ASN F 54 4.21 -28.23 10.52
C ASN F 54 3.73 -27.20 11.50
N TYR F 55 3.15 -27.63 12.63
CA TYR F 55 2.49 -26.73 13.55
C TYR F 55 3.09 -26.81 14.95
N LYS F 56 3.27 -25.65 15.57
CA LYS F 56 3.68 -25.56 16.96
C LYS F 56 2.43 -25.71 17.81
N MET F 57 2.27 -26.86 18.44
CA MET F 57 1.05 -27.05 19.21
C MET F 57 1.23 -26.68 20.66
N ASN F 58 0.12 -26.70 21.40
CA ASN F 58 0.05 -26.17 22.74
C ASN F 58 -0.78 -27.11 23.60
N TRP F 59 -0.71 -26.87 24.90
CA TRP F 59 -1.65 -27.40 25.87
C TRP F 59 -2.18 -26.21 26.66
N VAL F 60 -3.50 -26.11 26.72
CA VAL F 60 -4.15 -25.03 27.43
C VAL F 60 -5.25 -25.64 28.27
N ARG F 61 -5.45 -25.08 29.46
CA ARG F 61 -6.39 -25.66 30.39
C ARG F 61 -7.27 -24.55 30.95
N GLN F 62 -8.44 -24.95 31.44
CA GLN F 62 -9.41 -24.00 31.98
C GLN F 62 -9.86 -24.47 33.36
N ALA F 63 -9.20 -23.95 34.39
CA ALA F 63 -9.62 -24.23 35.75
C ALA F 63 -10.98 -23.56 36.02
N PRO F 64 -11.83 -24.20 36.82
CA PRO F 64 -13.20 -23.70 36.98
C PRO F 64 -13.22 -22.29 37.52
N GLY F 65 -14.13 -21.48 36.99
CA GLY F 65 -14.24 -20.09 37.37
C GLY F 65 -13.17 -19.19 36.83
N LYS F 66 -12.39 -19.65 35.84
CA LYS F 66 -11.30 -18.85 35.30
C LYS F 66 -11.20 -19.06 33.80
N GLY F 67 -10.59 -18.09 33.14
CA GLY F 67 -10.37 -18.16 31.71
C GLY F 67 -9.28 -19.13 31.37
N LEU F 68 -9.06 -19.30 30.07
CA LEU F 68 -8.04 -20.25 29.64
C LEU F 68 -6.65 -19.71 29.94
N GLU F 69 -5.77 -20.62 30.36
CA GLU F 69 -4.37 -20.32 30.58
C GLU F 69 -3.56 -21.28 29.74
N TRP F 70 -2.37 -20.83 29.35
CA TRP F 70 -1.49 -21.64 28.53
C TRP F 70 -0.56 -22.44 29.42
N VAL F 71 -0.23 -23.65 29.00
CA VAL F 71 0.52 -24.59 29.83
C VAL F 71 1.81 -25.02 29.15
N SER F 72 1.73 -25.73 28.03
CA SER F 72 2.92 -26.32 27.42
C SER F 72 2.91 -26.11 25.91
N ASP F 73 4.11 -25.97 25.35
CA ASP F 73 4.28 -25.33 24.04
C ASP F 73 5.29 -26.09 23.18
N ILE F 74 5.13 -27.40 23.05
CA ILE F 74 5.99 -28.20 22.19
C ILE F 74 6.08 -27.56 20.80
N SER F 75 7.21 -27.71 20.13
CA SER F 75 7.45 -27.04 18.86
C SER F 75 7.08 -27.94 17.70
N GLN F 76 7.53 -27.56 16.50
CA GLN F 76 7.18 -28.30 15.29
C GLN F 76 7.75 -29.71 15.31
N SER F 77 9.01 -29.86 15.71
CA SER F 77 9.71 -31.14 15.62
C SER F 77 10.00 -31.77 16.96
N GLY F 78 9.58 -31.16 18.06
CA GLY F 78 9.94 -31.61 19.38
C GLY F 78 11.18 -30.97 19.96
N ALA F 79 11.60 -29.83 19.42
CA ALA F 79 12.86 -29.23 19.86
C ALA F 79 12.65 -28.22 20.98
N SER F 80 11.98 -27.11 20.67
CA SER F 80 11.77 -26.06 21.66
C SER F 80 10.51 -26.38 22.46
N ILE F 81 10.63 -26.28 23.77
CA ILE F 81 9.55 -26.63 24.70
C ILE F 81 9.48 -25.55 25.76
N SER F 82 8.27 -25.21 26.15
CA SER F 82 8.08 -24.22 27.19
C SER F 82 6.95 -24.67 28.10
N TYR F 83 6.97 -24.17 29.33
CA TYR F 83 5.97 -24.51 30.31
C TYR F 83 5.56 -23.25 31.04
N THR F 84 4.35 -23.25 31.57
CA THR F 84 4.03 -22.26 32.57
C THR F 84 4.81 -22.61 33.83
N GLY F 85 5.09 -21.60 34.64
CA GLY F 85 5.90 -21.84 35.82
C GLY F 85 5.33 -22.89 36.73
N SER F 86 4.01 -22.89 36.90
CA SER F 86 3.37 -23.76 37.87
C SER F 86 3.47 -25.23 37.52
N VAL F 87 3.84 -25.57 36.29
CA VAL F 87 3.97 -26.96 35.89
C VAL F 87 5.42 -27.31 35.52
N LYS F 88 6.36 -26.45 35.90
CA LYS F 88 7.77 -26.71 35.62
C LYS F 88 8.23 -27.98 36.32
N GLY F 89 8.89 -28.86 35.56
CA GLY F 89 9.41 -30.08 36.13
C GLY F 89 8.35 -31.14 36.30
N ARG F 90 7.15 -30.70 36.64
CA ARG F 90 6.05 -31.60 36.93
C ARG F 90 5.44 -32.19 35.66
N PHE F 91 5.36 -31.39 34.59
CA PHE F 91 4.69 -31.79 33.35
C PHE F 91 5.69 -31.96 32.22
N THR F 92 5.40 -32.92 31.35
CA THR F 92 6.25 -33.21 30.21
C THR F 92 5.38 -33.34 28.96
N ILE F 93 5.81 -32.69 27.88
CA ILE F 93 5.08 -32.68 26.63
C ILE F 93 5.92 -33.36 25.56
N SER F 94 5.29 -34.23 24.79
CA SER F 94 5.93 -34.84 23.64
C SER F 94 4.90 -34.93 22.53
N ARG F 95 5.39 -35.19 21.31
CA ARG F 95 4.51 -35.31 20.17
C ARG F 95 5.13 -36.31 19.22
N ASP F 96 4.34 -37.27 18.75
CA ASP F 96 4.81 -38.22 17.76
C ASP F 96 4.22 -37.83 16.42
N ASN F 97 4.97 -37.02 15.67
CA ASN F 97 4.49 -36.55 14.39
C ASN F 97 4.19 -37.69 13.42
N ALA F 98 4.75 -38.87 13.65
CA ALA F 98 4.36 -40.02 12.86
C ALA F 98 3.01 -40.57 13.29
N LYS F 99 2.67 -40.46 14.58
CA LYS F 99 1.38 -40.86 15.08
C LYS F 99 0.43 -39.68 15.28
N ASN F 100 0.80 -38.50 14.78
CA ASN F 100 -0.12 -37.36 14.68
C ASN F 100 -0.64 -36.95 16.04
N THR F 101 0.03 -37.38 17.09
CA THR F 101 -0.54 -37.34 18.42
C THR F 101 0.28 -36.43 19.32
N LEU F 102 -0.42 -35.61 20.09
CA LEU F 102 0.22 -34.78 21.10
C LEU F 102 0.05 -35.48 22.44
N TYR F 103 0.94 -35.18 23.38
CA TYR F 103 0.95 -35.83 24.66
C TYR F 103 1.21 -34.81 25.76
N LEU F 104 0.80 -35.16 26.97
CA LEU F 104 1.19 -34.39 28.15
C LEU F 104 1.29 -35.37 29.31
N GLN F 105 2.51 -35.60 29.77
CA GLN F 105 2.73 -36.42 30.96
C GLN F 105 2.57 -35.55 32.20
N MET F 106 1.54 -35.83 32.98
CA MET F 106 1.26 -35.10 34.21
C MET F 106 1.70 -35.98 35.37
N ASN F 107 2.62 -35.49 36.19
CA ASN F 107 3.07 -36.19 37.38
C ASN F 107 2.73 -35.38 38.61
N SER F 108 2.77 -36.04 39.76
CA SER F 108 2.63 -35.40 41.08
C SER F 108 1.57 -34.30 41.05
N LEU F 109 0.37 -34.68 40.61
CA LEU F 109 -0.68 -33.73 40.26
C LEU F 109 -1.20 -33.03 41.50
N LYS F 110 -0.66 -31.85 41.79
CA LYS F 110 -1.01 -31.16 43.01
C LYS F 110 -2.49 -30.77 42.97
N PRO F 111 -3.18 -30.78 44.10
CA PRO F 111 -4.64 -30.58 44.09
C PRO F 111 -5.05 -29.14 43.80
N GLU F 112 -4.54 -28.56 42.71
CA GLU F 112 -5.08 -27.31 42.20
C GLU F 112 -5.24 -27.28 40.69
N ASP F 113 -4.54 -28.12 39.94
CA ASP F 113 -4.63 -28.14 38.48
C ASP F 113 -5.67 -29.17 38.03
N THR F 114 -6.93 -28.90 38.42
CA THR F 114 -8.06 -29.78 38.11
C THR F 114 -8.87 -29.22 36.94
N ALA F 115 -8.19 -28.69 35.95
CA ALA F 115 -8.83 -27.99 34.85
C ALA F 115 -9.30 -28.96 33.77
N VAL F 116 -10.19 -28.46 32.93
CA VAL F 116 -10.43 -29.08 31.62
C VAL F 116 -9.28 -28.71 30.70
N TYR F 117 -8.73 -29.73 30.01
CA TYR F 117 -7.46 -29.60 29.32
C TYR F 117 -7.68 -29.69 27.82
N TYR F 118 -7.40 -28.59 27.12
CA TYR F 118 -7.57 -28.51 25.68
C TYR F 118 -6.24 -28.61 24.97
N CYS F 119 -6.25 -29.30 23.85
CA CYS F 119 -5.10 -29.48 22.96
C CYS F 119 -5.23 -28.48 21.83
N ALA F 120 -4.47 -27.39 21.90
CA ALA F 120 -4.61 -26.36 20.89
C ALA F 120 -3.49 -26.44 19.86
N ARG F 121 -3.63 -25.66 18.80
CA ARG F 121 -2.74 -25.74 17.65
C ARG F 121 -2.32 -24.35 17.23
N CYS F 122 -1.18 -24.26 16.56
CA CYS F 122 -0.74 -23.00 15.98
C CYS F 122 -1.70 -22.58 14.88
N PRO F 123 -2.05 -21.31 14.78
CA PRO F 123 -2.92 -20.88 13.68
C PRO F 123 -2.39 -21.24 12.30
N ALA F 124 -1.10 -21.03 12.05
CA ALA F 124 -0.50 -21.19 10.74
C ALA F 124 0.76 -22.03 10.84
N PRO F 125 1.09 -22.79 9.80
CA PRO F 125 2.27 -23.65 9.85
C PRO F 125 3.53 -22.81 9.75
N PHE F 126 4.68 -23.49 9.86
CA PHE F 126 5.98 -22.89 9.55
C PHE F 126 6.18 -21.60 10.31
N THR F 127 5.74 -21.56 11.55
CA THR F 127 5.76 -20.34 12.32
C THR F 127 6.14 -20.69 13.74
N ARG F 128 6.72 -19.73 14.46
CA ARG F 128 7.19 -19.97 15.81
C ARG F 128 6.35 -19.31 16.88
N ASP F 129 5.32 -18.55 16.51
CA ASP F 129 4.46 -17.93 17.50
C ASP F 129 3.03 -18.41 17.33
N CYS F 130 2.28 -18.31 18.42
CA CYS F 130 0.92 -18.83 18.49
C CYS F 130 0.02 -17.72 19.02
N PHE F 131 -0.47 -16.88 18.13
CA PHE F 131 -1.49 -15.92 18.53
C PHE F 131 -2.75 -16.60 19.03
N ASP F 132 -3.36 -15.96 20.02
CA ASP F 132 -4.70 -16.22 20.52
C ASP F 132 -5.08 -17.69 20.59
N VAL F 133 -4.13 -18.54 20.99
CA VAL F 133 -4.44 -19.94 21.26
C VAL F 133 -5.38 -20.09 22.45
N THR F 134 -5.22 -19.26 23.46
CA THR F 134 -6.12 -19.28 24.61
C THR F 134 -7.23 -18.25 24.46
N SER F 135 -7.91 -18.28 23.33
CA SER F 135 -8.97 -17.34 23.04
C SER F 135 -10.30 -17.98 23.39
N THR F 136 -11.22 -17.18 23.92
CA THR F 136 -12.54 -17.67 24.26
C THR F 136 -13.27 -18.26 23.07
N THR F 137 -12.70 -18.12 21.87
CA THR F 137 -13.37 -18.39 20.62
C THR F 137 -12.59 -19.32 19.69
N TYR F 138 -11.30 -19.51 19.95
CA TYR F 138 -10.37 -20.16 19.01
C TYR F 138 -10.93 -21.43 18.40
N ALA F 139 -10.54 -21.68 17.15
CA ALA F 139 -11.16 -22.68 16.30
C ALA F 139 -10.35 -23.94 16.10
N TYR F 140 -9.03 -23.88 16.18
CA TYR F 140 -8.18 -25.07 16.05
C TYR F 140 -7.82 -25.62 17.41
N ARG F 141 -8.68 -25.43 18.39
CA ARG F 141 -8.50 -25.98 19.71
C ARG F 141 -9.17 -27.35 19.70
N GLY F 142 -9.43 -27.91 20.88
CA GLY F 142 -10.06 -29.19 21.00
C GLY F 142 -11.31 -29.15 21.87
N GLN F 143 -12.00 -30.29 21.88
CA GLN F 143 -13.13 -30.46 22.80
C GLN F 143 -12.67 -30.43 24.24
N GLY F 144 -11.61 -31.15 24.56
CA GLY F 144 -11.01 -31.10 25.87
C GLY F 144 -11.23 -32.39 26.65
N THR F 145 -10.51 -32.48 27.77
CA THR F 145 -10.68 -33.52 28.76
C THR F 145 -10.60 -32.89 30.14
N GLN F 146 -11.16 -33.58 31.12
CA GLN F 146 -11.22 -33.08 32.48
C GLN F 146 -10.28 -33.88 33.37
N VAL F 147 -9.59 -33.19 34.28
CA VAL F 147 -8.79 -33.83 35.31
C VAL F 147 -9.34 -33.41 36.66
N THR F 148 -9.39 -34.35 37.58
CA THR F 148 -9.88 -34.08 38.93
C THR F 148 -8.93 -34.73 39.93
N VAL F 149 -8.90 -34.20 41.15
CA VAL F 149 -8.03 -34.68 42.21
C VAL F 149 -8.87 -34.97 43.44
N SER F 150 -8.19 -35.36 44.53
CA SER F 150 -8.73 -35.60 45.86
C SER F 150 -9.52 -36.90 45.97
N SER F 151 -9.73 -37.61 44.86
CA SER F 151 -10.45 -38.88 44.89
C SER F 151 -10.27 -39.63 43.58
#